data_9S8S
#
_entry.id   9S8S
#
_cell.length_a   174.173
_cell.length_b   66.652
_cell.length_c   119.705
_cell.angle_alpha   90.000
_cell.angle_beta   121.665
_cell.angle_gamma   90.000
#
_symmetry.space_group_name_H-M   'C 1 2 1'
#
loop_
_entity.id
_entity.type
_entity.pdbx_description
1 polymer 'Protein BRASSINOSTEROID INSENSITIVE 1'
2 branched 2-acetamido-2-deoxy-beta-D-glucopyranose-(1-4)-2-acetamido-2-deoxy-beta-D-glucopyranose
3 branched alpha-L-fucopyranose-(1-6)-2-acetamido-2-deoxy-beta-D-glucopyranose
4 branched alpha-D-mannopyranose-(1-3)-beta-D-mannopyranose-(1-4)-2-acetamido-2-deoxy-beta-D-glucopyranose-(1-4)-2-acetamido-2-deoxy-beta-D-glucopyranose
5 branched beta-D-mannopyranose-(1-4)-2-acetamido-2-deoxy-beta-D-glucopyranose-(1-4)-2-acetamido-2-deoxy-beta-D-glucopyranose
6 non-polymer Typhasterol
7 non-polymer 'SULFATE ION'
8 non-polymer 1,2-ETHANEDIOL
9 non-polymer 2-acetamido-2-deoxy-beta-D-glucopyranose
10 non-polymer 'CITRIC ACID'
11 water water
#
_entity_poly.entity_id   1
_entity_poly.type   'polypeptide(L)'
_entity_poly.pdbx_seq_one_letter_code
;MKTFSSFFLSVTTLFFFSFFSLSFQASPSQSLYREIHQLISFKDVLPDKNLLPDWSSNKNPCTFDGVTCRDDKVTSIDLS
SKPLNVGFSAVSSSLLSLTGLESLFLSNSHINGSVSGFKCSASLTSLDLSRNSLSGPVTTLTSLGSCSGLKFLNVSSNTL
DFPGKVSGGLKLNSLEVLDLSANSISGANVVGWVLSDGCGELKHLAISGNKISGDVDVSRCVNLEFLDVSSNNFSTGIPF
LGDCSALQHLDISGNKLSGDFSRAISTCTELKLLNISSNQFVGPIPPLPLKSLQYLSLAENKFTGEIPDFLSGACDTLTG
LDLSGNHFYGAVPPFFGSCSLLESLALSSNNFSGELPMDTLLKMRGLKVLDLSFNEFSGELPESLTNLSASLLTLDLSSN
NFSGPILPNLCQNPKNTLQELYLQNNGFTGKIPPTLSNCSELVSLHLSFNYLSGTIPSSLGSLSKLRDLKLWLNMLEGEI
PQELMYVKTLETLILDFNDLTGEIPSGLSNCTNLNWISLSNNRLTGEIPKWIGRLENLAILKLSNNSFSGNIPAELGDCR
SLIWLDLNTNLFNGTIPAAMFKQSGKIAANFIAGKRYVYIKNDGMKKECHGAGNLLEFQGIRSEQLNRLSTRNPCNITSR
VYGGHTSPTFDNNGSMMFLDMSYNMLSGYIPKEIGSMPYLFILNLGHNDISGSIPDEVGDLRGLNILDLSSNKLDGRIPQ
AMSALTMLTEIDLSNNNLSGPIPEMGQFETFPPAKFLNNPGLCGYPLPRCDPSNADGYAHHQRSHGRRAAAENLYFQ
;
_entity_poly.pdbx_strand_id   A
#
loop_
_chem_comp.id
_chem_comp.type
_chem_comp.name
_chem_comp.formula
A1JMF non-polymer Typhasterol 'C28 H48 O4'
BMA D-saccharide, beta linking beta-D-mannopyranose 'C6 H12 O6'
CIT non-polymer 'CITRIC ACID' 'C6 H8 O7'
EDO non-polymer 1,2-ETHANEDIOL 'C2 H6 O2'
FUC L-saccharide, alpha linking alpha-L-fucopyranose 'C6 H12 O5'
MAN D-saccharide, alpha linking alpha-D-mannopyranose 'C6 H12 O6'
NAG D-saccharide, beta linking 2-acetamido-2-deoxy-beta-D-glucopyranose 'C8 H15 N O6'
SO4 non-polymer 'SULFATE ION' 'O4 S -2'
#
# COMPACT_ATOMS: atom_id res chain seq x y z
N GLN A 30 -42.46 -26.02 -11.65
CA GLN A 30 -41.84 -26.36 -12.92
C GLN A 30 -41.45 -27.83 -12.97
N SER A 31 -41.70 -28.46 -14.11
CA SER A 31 -41.32 -29.86 -14.29
C SER A 31 -39.84 -30.04 -13.97
N LEU A 32 -39.52 -31.17 -13.33
CA LEU A 32 -38.12 -31.53 -13.14
C LEU A 32 -37.40 -31.58 -14.47
N TYR A 33 -38.03 -32.17 -15.49
CA TYR A 33 -37.50 -32.19 -16.85
C TYR A 33 -37.03 -30.80 -17.26
N ARG A 34 -37.90 -29.79 -17.10
CA ARG A 34 -37.52 -28.43 -17.46
C ARG A 34 -36.27 -27.98 -16.73
N GLU A 35 -36.25 -28.16 -15.40
CA GLU A 35 -35.14 -27.65 -14.60
C GLU A 35 -33.82 -28.23 -15.07
N ILE A 36 -33.75 -29.56 -15.21
CA ILE A 36 -32.47 -30.19 -15.51
C ILE A 36 -31.96 -29.74 -16.87
N HIS A 37 -32.83 -29.74 -17.88
CA HIS A 37 -32.39 -29.33 -19.21
C HIS A 37 -31.98 -27.87 -19.22
N GLN A 38 -32.71 -27.01 -18.51
CA GLN A 38 -32.31 -25.61 -18.40
C GLN A 38 -30.88 -25.50 -17.88
N LEU A 39 -30.53 -26.30 -16.87
CA LEU A 39 -29.24 -26.15 -16.20
C LEU A 39 -28.12 -26.83 -16.96
N ILE A 40 -28.40 -27.97 -17.59
CA ILE A 40 -27.34 -28.67 -18.30
C ILE A 40 -27.03 -27.99 -19.62
N SER A 41 -28.04 -27.40 -20.28
CA SER A 41 -27.77 -26.59 -21.46
C SER A 41 -26.76 -25.50 -21.14
N PHE A 42 -26.85 -24.91 -19.95
CA PHE A 42 -25.85 -23.94 -19.51
C PHE A 42 -24.48 -24.59 -19.41
N LYS A 43 -24.39 -25.74 -18.75
CA LYS A 43 -23.11 -26.43 -18.66
C LYS A 43 -22.54 -26.72 -20.03
N ASP A 44 -23.40 -27.12 -20.97
CA ASP A 44 -22.95 -27.57 -22.28
C ASP A 44 -22.55 -26.45 -23.22
N VAL A 45 -22.54 -25.20 -22.75
CA VAL A 45 -22.01 -24.07 -23.51
C VAL A 45 -20.76 -23.49 -22.85
N LEU A 46 -20.33 -24.04 -21.70
CA LEU A 46 -19.14 -23.53 -21.03
C LEU A 46 -17.88 -24.10 -21.69
N PRO A 47 -16.86 -23.27 -21.92
CA PRO A 47 -15.60 -23.80 -22.49
C PRO A 47 -15.01 -24.93 -21.66
N ASP A 48 -15.09 -24.83 -20.34
CA ASP A 48 -14.55 -25.83 -19.42
C ASP A 48 -15.73 -26.43 -18.65
N LYS A 49 -16.13 -27.64 -19.03
CA LYS A 49 -17.24 -28.31 -18.36
C LYS A 49 -16.84 -28.93 -17.02
N ASN A 50 -15.55 -28.92 -16.68
CA ASN A 50 -15.09 -29.35 -15.37
C ASN A 50 -15.36 -28.32 -14.28
N LEU A 51 -15.98 -27.19 -14.63
CA LEU A 51 -16.38 -26.22 -13.63
C LEU A 51 -17.71 -26.58 -12.97
N LEU A 52 -18.52 -27.41 -13.62
CA LEU A 52 -19.77 -27.92 -13.06
C LEU A 52 -19.76 -29.45 -13.11
N PRO A 53 -18.73 -30.07 -12.53
CA PRO A 53 -18.54 -31.51 -12.75
C PRO A 53 -19.67 -32.37 -12.24
N ASP A 54 -20.39 -31.95 -11.19
CA ASP A 54 -21.49 -32.73 -10.67
C ASP A 54 -22.83 -32.33 -11.24
N TRP A 55 -22.88 -31.39 -12.18
CA TRP A 55 -24.10 -31.08 -12.93
C TRP A 55 -24.22 -32.12 -14.03
N SER A 56 -25.11 -33.09 -13.84
CA SER A 56 -25.30 -34.14 -14.83
C SER A 56 -26.79 -34.40 -15.02
N SER A 57 -27.13 -34.96 -16.18
CA SER A 57 -28.49 -35.37 -16.45
C SER A 57 -28.84 -36.59 -15.61
N ASN A 58 -30.13 -36.91 -15.56
CA ASN A 58 -30.62 -38.04 -14.75
C ASN A 58 -30.18 -37.89 -13.30
N LYS A 59 -30.17 -36.66 -12.82
CA LYS A 59 -29.79 -36.35 -11.44
C LYS A 59 -30.55 -35.10 -11.04
N ASN A 60 -31.28 -35.17 -9.93
CA ASN A 60 -32.04 -34.02 -9.46
C ASN A 60 -31.09 -32.84 -9.25
N PRO A 61 -31.33 -31.68 -9.86
CA PRO A 61 -30.41 -30.54 -9.67
C PRO A 61 -30.28 -30.11 -8.22
N CYS A 62 -31.20 -30.52 -7.35
CA CYS A 62 -31.13 -30.16 -5.94
C CYS A 62 -29.97 -30.84 -5.20
N THR A 63 -29.15 -31.63 -5.90
CA THR A 63 -27.95 -32.23 -5.30
C THR A 63 -26.67 -31.63 -5.88
N PHE A 64 -26.78 -30.61 -6.74
CA PHE A 64 -25.62 -30.03 -7.38
C PHE A 64 -24.95 -28.99 -6.48
N ASP A 65 -23.63 -28.97 -6.47
CA ASP A 65 -22.91 -27.87 -5.84
C ASP A 65 -23.25 -26.58 -6.58
N GLY A 66 -23.50 -25.51 -5.81
CA GLY A 66 -23.91 -24.25 -6.38
C GLY A 66 -25.40 -24.07 -6.50
N VAL A 67 -26.18 -25.12 -6.27
CA VAL A 67 -27.63 -25.07 -6.37
C VAL A 67 -28.24 -25.09 -4.97
N THR A 68 -29.31 -24.33 -4.79
CA THR A 68 -30.07 -24.32 -3.54
C THR A 68 -31.53 -24.63 -3.88
N CYS A 69 -32.14 -25.53 -3.11
CA CYS A 69 -33.52 -25.93 -3.34
C CYS A 69 -34.32 -25.77 -2.06
N ARG A 70 -35.63 -25.54 -2.23
CA ARG A 70 -36.60 -25.63 -1.15
C ARG A 70 -37.73 -26.53 -1.63
N ASP A 71 -38.03 -27.57 -0.86
CA ASP A 71 -39.10 -28.50 -1.21
C ASP A 71 -38.87 -29.11 -2.59
N ASP A 72 -37.61 -29.43 -2.89
CA ASP A 72 -37.23 -30.17 -4.09
C ASP A 72 -37.32 -29.33 -5.36
N LYS A 73 -37.23 -28.00 -5.23
CA LYS A 73 -37.33 -27.11 -6.38
C LYS A 73 -36.18 -26.12 -6.35
N VAL A 74 -35.55 -25.91 -7.51
CA VAL A 74 -34.42 -25.01 -7.60
C VAL A 74 -34.88 -23.59 -7.31
N THR A 75 -34.27 -22.96 -6.30
CA THR A 75 -34.63 -21.59 -5.92
C THR A 75 -33.46 -20.62 -5.98
N SER A 76 -32.23 -21.09 -6.14
CA SER A 76 -31.09 -20.18 -6.20
C SER A 76 -29.89 -20.91 -6.78
N ILE A 77 -29.04 -20.17 -7.49
CA ILE A 77 -27.83 -20.71 -8.10
C ILE A 77 -26.70 -19.74 -7.80
N ASP A 78 -25.59 -20.28 -7.27
CA ASP A 78 -24.41 -19.49 -6.94
C ASP A 78 -23.21 -20.17 -7.59
N LEU A 79 -22.70 -19.57 -8.66
CA LEU A 79 -21.54 -20.08 -9.38
C LEU A 79 -20.40 -19.06 -9.35
N SER A 80 -20.34 -18.27 -8.28
CA SER A 80 -19.38 -17.18 -8.16
C SER A 80 -17.95 -17.71 -8.08
N SER A 81 -17.00 -16.85 -8.44
CA SER A 81 -15.58 -17.15 -8.36
C SER A 81 -15.18 -18.34 -9.22
N LYS A 82 -16.02 -18.74 -10.17
CA LYS A 82 -15.68 -19.80 -11.10
C LYS A 82 -15.49 -19.22 -12.49
N PRO A 83 -14.36 -19.48 -13.16
CA PRO A 83 -14.14 -18.87 -14.48
C PRO A 83 -15.04 -19.45 -15.55
N LEU A 84 -16.35 -19.20 -15.46
CA LEU A 84 -17.28 -19.75 -16.44
C LEU A 84 -16.89 -19.39 -17.86
N ASN A 85 -16.34 -18.18 -18.05
CA ASN A 85 -15.84 -17.73 -19.34
C ASN A 85 -16.89 -17.92 -20.45
N VAL A 86 -17.97 -17.14 -20.33
CA VAL A 86 -19.08 -17.16 -21.27
C VAL A 86 -19.76 -15.80 -21.25
N GLY A 87 -20.62 -15.56 -22.26
CA GLY A 87 -21.32 -14.31 -22.37
C GLY A 87 -22.67 -14.33 -21.67
N PHE A 88 -23.17 -13.13 -21.37
CA PHE A 88 -24.41 -13.01 -20.61
C PHE A 88 -25.56 -13.74 -21.31
N SER A 89 -25.60 -13.68 -22.64
CA SER A 89 -26.69 -14.31 -23.36
C SER A 89 -26.88 -15.77 -22.94
N ALA A 90 -25.80 -16.44 -22.52
CA ALA A 90 -25.93 -17.81 -22.06
C ALA A 90 -26.71 -17.87 -20.74
N VAL A 91 -26.48 -16.91 -19.84
CA VAL A 91 -27.12 -16.93 -18.54
C VAL A 91 -28.60 -16.59 -18.66
N SER A 92 -28.95 -15.64 -19.54
CA SER A 92 -30.33 -15.21 -19.64
C SER A 92 -31.23 -16.33 -20.14
N SER A 93 -30.77 -17.09 -21.14
CA SER A 93 -31.61 -18.13 -21.70
C SER A 93 -31.71 -19.34 -20.79
N SER A 94 -30.59 -19.74 -20.18
CA SER A 94 -30.57 -20.96 -19.36
C SER A 94 -31.05 -20.68 -17.94
N LEU A 95 -30.28 -19.88 -17.19
CA LEU A 95 -30.50 -19.75 -15.76
C LEU A 95 -31.64 -18.78 -15.46
N LEU A 96 -31.52 -17.52 -15.93
CA LEU A 96 -32.53 -16.51 -15.61
C LEU A 96 -33.91 -16.88 -16.13
N SER A 97 -34.00 -17.82 -17.08
CA SER A 97 -35.29 -18.26 -17.57
C SER A 97 -35.92 -19.30 -16.65
N LEU A 98 -35.10 -20.06 -15.93
CA LEU A 98 -35.57 -21.07 -14.99
C LEU A 98 -36.70 -20.55 -14.14
N THR A 99 -37.91 -21.07 -14.35
CA THR A 99 -39.06 -20.64 -13.56
C THR A 99 -38.90 -21.08 -12.12
N GLY A 100 -39.06 -20.14 -11.20
CA GLY A 100 -38.88 -20.39 -9.78
C GLY A 100 -37.58 -19.87 -9.22
N LEU A 101 -36.57 -19.65 -10.07
CA LEU A 101 -35.31 -19.11 -9.60
C LEU A 101 -35.55 -17.77 -8.90
N GLU A 102 -35.13 -17.68 -7.64
CA GLU A 102 -35.33 -16.49 -6.85
C GLU A 102 -34.06 -15.68 -6.63
N SER A 103 -32.90 -16.22 -7.02
CA SER A 103 -31.66 -15.48 -6.86
C SER A 103 -30.56 -16.16 -7.68
N LEU A 104 -29.76 -15.36 -8.36
CA LEU A 104 -28.64 -15.83 -9.16
C LEU A 104 -27.41 -15.02 -8.78
N PHE A 105 -26.34 -15.73 -8.41
CA PHE A 105 -25.09 -15.11 -7.98
C PHE A 105 -23.99 -15.57 -8.92
N LEU A 106 -23.52 -14.66 -9.77
CA LEU A 106 -22.44 -14.93 -10.71
C LEU A 106 -21.35 -13.88 -10.57
N SER A 107 -20.95 -13.64 -9.32
CA SER A 107 -19.91 -12.66 -9.03
C SER A 107 -18.55 -13.25 -9.39
N ASN A 108 -17.78 -12.50 -10.17
CA ASN A 108 -16.43 -12.91 -10.57
C ASN A 108 -16.46 -14.27 -11.27
N SER A 109 -17.50 -14.49 -12.08
CA SER A 109 -17.66 -15.73 -12.84
C SER A 109 -17.17 -15.61 -14.27
N HIS A 110 -16.30 -14.65 -14.55
CA HIS A 110 -15.76 -14.43 -15.90
C HIS A 110 -16.87 -14.40 -16.94
N ILE A 111 -17.92 -13.66 -16.63
CA ILE A 111 -19.00 -13.40 -17.59
C ILE A 111 -18.65 -12.14 -18.35
N ASN A 112 -18.95 -12.14 -19.65
CA ASN A 112 -18.70 -10.98 -20.48
C ASN A 112 -19.91 -10.76 -21.39
N GLY A 113 -19.69 -10.10 -22.52
CA GLY A 113 -20.81 -9.72 -23.36
C GLY A 113 -21.53 -8.51 -22.78
N SER A 114 -22.85 -8.49 -22.95
CA SER A 114 -23.67 -7.39 -22.43
C SER A 114 -25.12 -7.86 -22.33
N VAL A 115 -25.92 -7.04 -21.65
CA VAL A 115 -27.30 -7.40 -21.36
C VAL A 115 -28.17 -7.13 -22.59
N SER A 116 -29.29 -7.86 -22.67
CA SER A 116 -30.25 -7.68 -23.73
C SER A 116 -31.59 -8.23 -23.25
N GLY A 117 -32.65 -7.92 -24.01
CA GLY A 117 -33.96 -8.42 -23.65
C GLY A 117 -33.98 -9.94 -23.54
N PHE A 118 -34.85 -10.45 -22.69
CA PHE A 118 -34.96 -11.88 -22.47
C PHE A 118 -36.19 -12.16 -21.62
N LYS A 119 -36.58 -13.43 -21.58
CA LYS A 119 -37.69 -13.88 -20.74
C LYS A 119 -37.17 -14.09 -19.32
N CYS A 120 -37.64 -13.27 -18.39
CA CYS A 120 -37.20 -13.32 -17.00
C CYS A 120 -38.32 -13.83 -16.12
N SER A 121 -38.05 -14.88 -15.36
CA SER A 121 -39.04 -15.43 -14.44
C SER A 121 -39.43 -14.38 -13.41
N ALA A 122 -40.75 -14.25 -13.18
CA ALA A 122 -41.23 -13.30 -12.20
C ALA A 122 -40.69 -13.57 -10.80
N SER A 123 -40.22 -14.79 -10.55
CA SER A 123 -39.75 -15.13 -9.21
C SER A 123 -38.46 -14.41 -8.86
N LEU A 124 -37.60 -14.18 -9.85
CA LEU A 124 -36.26 -13.66 -9.59
C LEU A 124 -36.33 -12.33 -8.84
N THR A 125 -35.65 -12.28 -7.69
CA THR A 125 -35.59 -11.09 -6.87
C THR A 125 -34.19 -10.54 -6.66
N SER A 126 -33.15 -11.33 -6.89
CA SER A 126 -31.79 -10.86 -6.71
C SER A 126 -30.91 -11.38 -7.84
N LEU A 127 -30.07 -10.50 -8.36
CA LEU A 127 -29.16 -10.84 -9.45
C LEU A 127 -27.83 -10.13 -9.21
N ASP A 128 -26.77 -10.91 -9.04
CA ASP A 128 -25.44 -10.39 -8.73
C ASP A 128 -24.52 -10.74 -9.89
N LEU A 129 -24.20 -9.74 -10.71
CA LEU A 129 -23.26 -9.89 -11.83
C LEU A 129 -21.98 -9.10 -11.57
N SER A 130 -21.59 -8.96 -10.32
CA SER A 130 -20.47 -8.10 -9.98
C SER A 130 -19.15 -8.73 -10.38
N ARG A 131 -18.17 -7.87 -10.65
CA ARG A 131 -16.79 -8.30 -10.92
C ARG A 131 -16.70 -9.16 -12.18
N ASN A 132 -17.52 -8.84 -13.17
CA ASN A 132 -17.49 -9.51 -14.47
C ASN A 132 -17.06 -8.49 -15.53
N SER A 133 -17.13 -8.90 -16.80
CA SER A 133 -16.72 -8.05 -17.91
C SER A 133 -17.90 -7.56 -18.72
N LEU A 134 -19.08 -7.45 -18.10
CA LEU A 134 -20.24 -6.91 -18.81
C LEU A 134 -19.90 -5.53 -19.36
N SER A 135 -20.24 -5.32 -20.62
CA SER A 135 -19.85 -4.11 -21.35
C SER A 135 -21.08 -3.48 -21.98
N GLY A 136 -20.85 -2.34 -22.63
CA GLY A 136 -21.89 -1.60 -23.28
C GLY A 136 -22.40 -0.46 -22.42
N PRO A 137 -23.25 0.40 -22.99
CA PRO A 137 -23.80 1.50 -22.21
C PRO A 137 -24.72 1.00 -21.11
N VAL A 138 -24.76 1.75 -20.02
CA VAL A 138 -25.58 1.41 -18.86
C VAL A 138 -27.06 1.28 -19.23
N THR A 139 -27.44 1.74 -20.42
CA THR A 139 -28.84 1.63 -20.86
C THR A 139 -29.24 0.19 -21.14
N THR A 140 -28.29 -0.73 -21.29
CA THR A 140 -28.65 -2.12 -21.47
C THR A 140 -29.38 -2.67 -20.24
N LEU A 141 -29.05 -2.15 -19.06
CA LEU A 141 -29.68 -2.64 -17.83
C LEU A 141 -31.18 -2.36 -17.81
N THR A 142 -31.66 -1.46 -18.67
CA THR A 142 -33.09 -1.18 -18.72
C THR A 142 -33.88 -2.43 -19.08
N SER A 143 -33.30 -3.33 -19.87
CA SER A 143 -33.99 -4.54 -20.27
C SER A 143 -34.20 -5.50 -19.11
N LEU A 144 -33.54 -5.28 -17.97
CA LEU A 144 -33.82 -6.09 -16.79
C LEU A 144 -35.20 -5.81 -16.22
N GLY A 145 -35.88 -4.75 -16.64
CA GLY A 145 -37.25 -4.55 -16.24
C GLY A 145 -38.14 -5.74 -16.55
N SER A 146 -37.71 -6.60 -17.48
CA SER A 146 -38.42 -7.86 -17.73
C SER A 146 -38.67 -8.61 -16.43
N CYS A 147 -37.71 -8.57 -15.51
CA CYS A 147 -37.81 -9.22 -14.21
C CYS A 147 -38.75 -8.40 -13.34
N SER A 148 -40.05 -8.67 -13.48
CA SER A 148 -41.05 -7.86 -12.79
C SER A 148 -40.81 -7.81 -11.29
N GLY A 149 -40.18 -8.84 -10.72
CA GLY A 149 -39.95 -8.92 -9.29
C GLY A 149 -38.53 -8.61 -8.84
N LEU A 150 -37.65 -8.17 -9.74
CA LEU A 150 -36.26 -7.91 -9.36
C LEU A 150 -36.19 -6.73 -8.39
N LYS A 151 -35.51 -6.95 -7.26
CA LYS A 151 -35.34 -5.91 -6.25
C LYS A 151 -33.89 -5.64 -5.88
N PHE A 152 -32.97 -6.53 -6.20
CA PHE A 152 -31.55 -6.38 -5.85
C PHE A 152 -30.73 -6.61 -7.10
N LEU A 153 -30.09 -5.55 -7.60
CA LEU A 153 -29.24 -5.63 -8.77
C LEU A 153 -27.84 -5.16 -8.40
N ASN A 154 -26.83 -5.94 -8.78
CA ASN A 154 -25.44 -5.68 -8.39
C ASN A 154 -24.57 -5.97 -9.62
N VAL A 155 -24.27 -4.92 -10.39
CA VAL A 155 -23.44 -5.07 -11.57
C VAL A 155 -22.13 -4.31 -11.37
N SER A 156 -21.73 -4.14 -10.11
CA SER A 156 -20.51 -3.40 -9.82
C SER A 156 -19.31 -4.07 -10.49
N SER A 157 -18.19 -3.35 -10.47
CA SER A 157 -16.92 -3.89 -10.98
C SER A 157 -17.08 -4.52 -12.35
N ASN A 158 -17.84 -3.85 -13.22
CA ASN A 158 -17.92 -4.23 -14.62
C ASN A 158 -17.36 -3.08 -15.46
N THR A 159 -17.64 -3.08 -16.76
CA THR A 159 -17.13 -2.06 -17.66
C THR A 159 -18.26 -1.43 -18.47
N LEU A 160 -19.36 -1.11 -17.80
CA LEU A 160 -20.47 -0.41 -18.44
C LEU A 160 -20.19 1.09 -18.48
N ASP A 161 -20.34 1.70 -19.65
CA ASP A 161 -20.12 3.13 -19.81
C ASP A 161 -21.46 3.84 -20.03
N PHE A 162 -21.38 5.11 -20.44
CA PHE A 162 -22.56 5.94 -20.64
C PHE A 162 -22.60 6.48 -22.07
N PRO A 163 -23.77 6.48 -22.71
CA PRO A 163 -23.83 6.90 -24.13
C PRO A 163 -23.06 8.17 -24.43
N GLY A 164 -23.11 9.15 -23.53
CA GLY A 164 -22.47 10.42 -23.76
C GLY A 164 -23.41 11.55 -23.40
N LYS A 165 -24.65 11.46 -23.86
CA LYS A 165 -25.71 12.40 -23.52
C LYS A 165 -26.82 11.63 -22.81
N VAL A 166 -27.26 12.14 -21.66
CA VAL A 166 -28.35 11.51 -20.94
C VAL A 166 -29.54 11.34 -21.87
N SER A 167 -30.05 10.10 -21.96
CA SER A 167 -31.09 9.76 -22.93
C SER A 167 -32.10 8.82 -22.25
N GLY A 168 -33.10 9.41 -21.61
CA GLY A 168 -34.23 8.65 -21.08
C GLY A 168 -34.17 8.39 -19.59
N GLY A 169 -33.80 7.17 -19.21
CA GLY A 169 -33.79 6.78 -17.81
C GLY A 169 -33.53 5.30 -17.62
N LEU A 170 -33.06 4.92 -16.43
CA LEU A 170 -32.81 3.50 -16.15
C LEU A 170 -34.11 2.71 -16.23
N LYS A 171 -35.16 3.18 -15.56
CA LYS A 171 -36.49 2.59 -15.64
C LYS A 171 -36.57 1.23 -14.93
N LEU A 172 -35.80 1.07 -13.86
CA LEU A 172 -35.91 -0.09 -12.97
C LEU A 172 -36.42 0.39 -11.62
N ASN A 173 -37.68 0.85 -11.61
CA ASN A 173 -38.23 1.58 -10.48
C ASN A 173 -38.75 0.68 -9.37
N SER A 174 -38.74 -0.64 -9.55
CA SER A 174 -39.11 -1.56 -8.50
C SER A 174 -37.92 -1.95 -7.62
N LEU A 175 -36.70 -1.62 -8.04
CA LEU A 175 -35.52 -2.06 -7.30
C LEU A 175 -35.48 -1.43 -5.91
N GLU A 176 -34.99 -2.20 -4.94
CA GLU A 176 -34.70 -1.69 -3.61
C GLU A 176 -33.21 -1.51 -3.36
N VAL A 177 -32.36 -2.24 -4.08
CA VAL A 177 -30.92 -2.16 -3.96
C VAL A 177 -30.31 -2.10 -5.35
N LEU A 178 -29.35 -1.20 -5.55
CA LEU A 178 -28.74 -1.00 -6.84
C LEU A 178 -27.29 -0.56 -6.63
N ASP A 179 -26.36 -1.33 -7.15
CA ASP A 179 -24.93 -1.03 -7.07
C ASP A 179 -24.37 -0.98 -8.49
N LEU A 180 -23.88 0.19 -8.89
CA LEU A 180 -23.29 0.41 -10.21
C LEU A 180 -21.83 0.85 -10.09
N SER A 181 -21.19 0.47 -8.99
CA SER A 181 -19.86 1.00 -8.70
C SER A 181 -18.80 0.31 -9.55
N ALA A 182 -17.65 0.98 -9.66
CA ALA A 182 -16.47 0.43 -10.34
C ALA A 182 -16.77 0.06 -11.78
N ASN A 183 -17.66 0.80 -12.43
CA ASN A 183 -17.88 0.68 -13.86
C ASN A 183 -17.07 1.76 -14.57
N SER A 184 -17.33 1.94 -15.87
CA SER A 184 -16.65 2.93 -16.68
C SER A 184 -17.59 4.05 -17.08
N ILE A 185 -18.40 4.52 -16.14
CA ILE A 185 -19.46 5.48 -16.42
C ILE A 185 -18.90 6.88 -16.21
N SER A 186 -18.78 7.64 -17.29
CA SER A 186 -18.41 9.05 -17.24
C SER A 186 -19.53 9.85 -17.90
N GLY A 187 -20.12 10.75 -17.14
CA GLY A 187 -21.19 11.56 -17.68
C GLY A 187 -21.61 12.65 -16.72
N ALA A 188 -22.74 13.27 -17.02
CA ALA A 188 -23.28 14.35 -16.22
C ALA A 188 -24.72 14.01 -15.85
N ASN A 189 -25.08 14.23 -14.59
CA ASN A 189 -26.44 13.96 -14.12
C ASN A 189 -26.88 12.54 -14.48
N VAL A 190 -25.93 11.61 -14.49
CA VAL A 190 -26.27 10.20 -14.68
C VAL A 190 -27.13 9.72 -13.52
N VAL A 191 -26.93 10.28 -12.33
CA VAL A 191 -27.79 9.94 -11.20
C VAL A 191 -29.24 10.26 -11.55
N GLY A 192 -29.51 11.49 -12.00
CA GLY A 192 -30.85 11.81 -12.45
C GLY A 192 -31.40 10.80 -13.44
N TRP A 193 -30.51 10.23 -14.27
CA TRP A 193 -30.95 9.22 -15.24
C TRP A 193 -31.38 7.94 -14.54
N VAL A 194 -30.60 7.49 -13.56
CA VAL A 194 -30.91 6.24 -12.87
C VAL A 194 -32.26 6.33 -12.17
N LEU A 195 -32.51 7.47 -11.52
CA LEU A 195 -33.72 7.67 -10.74
C LEU A 195 -34.76 8.49 -11.48
N SER A 196 -34.63 8.61 -12.80
CA SER A 196 -35.51 9.49 -13.56
C SER A 196 -36.96 9.06 -13.45
N ASP A 197 -37.23 7.77 -13.57
CA ASP A 197 -38.59 7.26 -13.63
C ASP A 197 -39.13 6.82 -12.27
N GLY A 198 -38.41 7.11 -11.18
CA GLY A 198 -38.91 6.80 -9.86
C GLY A 198 -37.93 6.03 -9.00
N CYS A 199 -37.90 6.37 -7.70
CA CYS A 199 -37.06 5.67 -6.73
C CYS A 199 -37.79 5.48 -5.40
N GLY A 200 -39.12 5.44 -5.45
CA GLY A 200 -39.91 5.29 -4.23
C GLY A 200 -39.61 4.02 -3.46
N GLU A 201 -39.03 3.02 -4.11
CA GLU A 201 -38.65 1.77 -3.46
C GLU A 201 -37.16 1.69 -3.17
N LEU A 202 -36.34 2.56 -3.77
CA LEU A 202 -34.90 2.48 -3.63
C LEU A 202 -34.49 2.74 -2.18
N LYS A 203 -33.90 1.74 -1.53
CA LYS A 203 -33.39 1.89 -0.18
C LYS A 203 -31.87 1.93 -0.13
N HIS A 204 -31.18 1.59 -1.21
CA HIS A 204 -29.73 1.49 -1.21
C HIS A 204 -29.22 1.77 -2.61
N LEU A 205 -28.38 2.80 -2.73
CA LEU A 205 -27.84 3.23 -4.02
C LEU A 205 -26.34 3.45 -3.89
N ALA A 206 -25.58 2.85 -4.80
CA ALA A 206 -24.13 2.98 -4.81
C ALA A 206 -23.67 3.14 -6.25
N ILE A 207 -22.82 4.13 -6.49
CA ILE A 207 -22.30 4.40 -7.82
C ILE A 207 -20.86 4.89 -7.71
N SER A 208 -20.15 4.41 -6.69
CA SER A 208 -18.79 4.87 -6.47
C SER A 208 -17.86 4.32 -7.55
N GLY A 209 -16.64 4.84 -7.57
CA GLY A 209 -15.63 4.33 -8.47
C GLY A 209 -15.84 4.67 -9.94
N ASN A 210 -16.83 5.50 -10.25
CA ASN A 210 -17.05 5.97 -11.60
C ASN A 210 -16.45 7.37 -11.74
N LYS A 211 -16.72 8.01 -12.88
CA LYS A 211 -16.31 9.40 -13.09
C LYS A 211 -17.54 10.24 -13.36
N ILE A 212 -18.57 10.08 -12.54
CA ILE A 212 -19.84 10.76 -12.73
C ILE A 212 -19.78 12.12 -12.06
N SER A 213 -20.17 13.16 -12.79
CA SER A 213 -20.27 14.50 -12.26
C SER A 213 -21.70 15.00 -12.43
N GLY A 214 -21.99 16.15 -11.82
CA GLY A 214 -23.27 16.81 -11.97
C GLY A 214 -23.95 17.00 -10.62
N ASP A 215 -25.27 16.88 -10.63
CA ASP A 215 -26.10 17.10 -9.44
C ASP A 215 -26.75 15.80 -9.02
N VAL A 216 -26.87 15.62 -7.71
CA VAL A 216 -27.42 14.40 -7.11
C VAL A 216 -28.68 14.80 -6.36
N ASP A 217 -29.83 14.39 -6.88
CA ASP A 217 -31.13 14.71 -6.29
C ASP A 217 -31.84 13.41 -5.95
N VAL A 218 -31.74 12.99 -4.69
CA VAL A 218 -32.38 11.77 -4.22
C VAL A 218 -33.51 12.14 -3.27
N SER A 219 -34.11 13.31 -3.49
CA SER A 219 -35.13 13.82 -2.58
C SER A 219 -36.48 13.12 -2.76
N ARG A 220 -36.70 12.44 -3.88
CA ARG A 220 -37.91 11.66 -4.07
C ARG A 220 -37.76 10.23 -3.59
N CYS A 221 -36.53 9.78 -3.33
CA CYS A 221 -36.28 8.45 -2.78
C CYS A 221 -36.45 8.53 -1.26
N VAL A 222 -37.71 8.74 -0.86
CA VAL A 222 -38.04 8.96 0.54
C VAL A 222 -37.66 7.78 1.43
N ASN A 223 -37.38 6.62 0.84
CA ASN A 223 -36.96 5.44 1.57
C ASN A 223 -35.46 5.21 1.52
N LEU A 224 -34.72 6.02 0.78
CA LEU A 224 -33.28 5.82 0.65
C LEU A 224 -32.63 5.82 2.03
N GLU A 225 -31.90 4.75 2.34
CA GLU A 225 -31.14 4.65 3.58
C GLU A 225 -29.63 4.66 3.35
N PHE A 226 -29.17 4.38 2.14
CA PHE A 226 -27.76 4.22 1.83
C PHE A 226 -27.46 4.89 0.49
N LEU A 227 -26.46 5.77 0.49
CA LEU A 227 -26.07 6.50 -0.72
C LEU A 227 -24.55 6.63 -0.74
N ASP A 228 -23.92 5.95 -1.69
CA ASP A 228 -22.47 6.00 -1.86
C ASP A 228 -22.19 6.53 -3.26
N VAL A 229 -21.78 7.80 -3.34
CA VAL A 229 -21.38 8.43 -4.60
C VAL A 229 -19.91 8.79 -4.51
N SER A 230 -19.15 8.02 -3.73
CA SER A 230 -17.77 8.36 -3.46
C SER A 230 -16.88 8.02 -4.66
N SER A 231 -15.72 8.67 -4.71
CA SER A 231 -14.73 8.45 -5.76
C SER A 231 -15.35 8.66 -7.14
N ASN A 232 -16.02 9.79 -7.29
CA ASN A 232 -16.57 10.19 -8.58
C ASN A 232 -15.94 11.50 -9.00
N ASN A 233 -16.56 12.20 -9.95
CA ASN A 233 -16.06 13.48 -10.43
C ASN A 233 -17.02 14.61 -10.08
N PHE A 234 -17.65 14.52 -8.91
CA PHE A 234 -18.58 15.55 -8.46
C PHE A 234 -17.80 16.77 -7.98
N SER A 235 -18.06 17.92 -8.61
CA SER A 235 -17.34 19.15 -8.29
C SER A 235 -18.26 20.37 -8.14
N THR A 236 -19.56 20.24 -8.42
CA THR A 236 -20.47 21.37 -8.33
C THR A 236 -21.25 21.33 -7.02
N GLY A 237 -22.56 21.10 -7.09
CA GLY A 237 -23.39 21.21 -5.91
C GLY A 237 -23.36 19.99 -5.03
N ILE A 238 -23.68 20.21 -3.75
CA ILE A 238 -23.74 19.14 -2.77
C ILE A 238 -25.04 18.36 -3.00
N PRO A 239 -25.05 17.04 -2.84
CA PRO A 239 -26.28 16.28 -3.12
C PRO A 239 -27.47 16.81 -2.35
N PHE A 240 -28.61 16.91 -3.03
CA PHE A 240 -29.85 17.35 -2.42
C PHE A 240 -30.58 16.13 -1.86
N LEU A 241 -30.65 16.06 -0.53
CA LEU A 241 -31.24 14.92 0.16
C LEU A 241 -32.71 15.13 0.51
N GLY A 242 -33.27 16.30 0.22
CA GLY A 242 -34.70 16.50 0.46
C GLY A 242 -35.01 16.47 1.94
N ASP A 243 -36.06 15.72 2.29
CA ASP A 243 -36.42 15.55 3.69
C ASP A 243 -35.42 14.70 4.46
N CYS A 244 -34.64 13.87 3.76
CA CYS A 244 -33.59 13.06 4.39
C CYS A 244 -34.11 12.36 5.64
N SER A 245 -35.31 11.78 5.51
CA SER A 245 -35.98 11.21 6.68
C SER A 245 -35.49 9.82 7.03
N ALA A 246 -35.01 9.06 6.04
CA ALA A 246 -34.58 7.68 6.26
C ALA A 246 -33.09 7.46 6.08
N LEU A 247 -32.37 8.41 5.50
CA LEU A 247 -30.97 8.20 5.18
C LEU A 247 -30.16 7.93 6.45
N GLN A 248 -29.46 6.80 6.46
CA GLN A 248 -28.58 6.43 7.57
C GLN A 248 -27.11 6.41 7.18
N HIS A 249 -26.78 6.39 5.89
CA HIS A 249 -25.41 6.24 5.43
C HIS A 249 -25.20 7.17 4.24
N LEU A 250 -24.26 8.11 4.37
CA LEU A 250 -23.98 9.08 3.33
C LEU A 250 -22.47 9.17 3.12
N ASP A 251 -22.02 8.79 1.91
CA ASP A 251 -20.60 8.78 1.57
C ASP A 251 -20.40 9.56 0.28
N ILE A 252 -19.94 10.80 0.39
CA ILE A 252 -19.62 11.63 -0.76
C ILE A 252 -18.12 11.85 -0.87
N SER A 253 -17.33 11.00 -0.21
CA SER A 253 -15.88 11.17 -0.17
C SER A 253 -15.26 10.94 -1.55
N GLY A 254 -14.04 11.42 -1.72
CA GLY A 254 -13.27 11.14 -2.91
C GLY A 254 -13.68 11.93 -4.13
N ASN A 255 -14.18 13.15 -3.95
CA ASN A 255 -14.52 14.02 -5.07
C ASN A 255 -13.79 15.34 -4.92
N LYS A 256 -14.32 16.40 -5.52
CA LYS A 256 -13.74 17.74 -5.41
C LYS A 256 -14.80 18.73 -4.95
N LEU A 257 -15.60 18.31 -3.97
CA LEU A 257 -16.71 19.14 -3.51
C LEU A 257 -16.19 20.28 -2.64
N SER A 258 -16.78 21.47 -2.84
CA SER A 258 -16.43 22.68 -2.09
C SER A 258 -17.72 23.47 -1.92
N GLY A 259 -18.55 23.05 -0.95
CA GLY A 259 -19.85 23.65 -0.74
C GLY A 259 -20.28 23.55 0.70
N ASP A 260 -21.48 24.06 0.97
CA ASP A 260 -22.05 24.10 2.31
C ASP A 260 -22.84 22.80 2.54
N PHE A 261 -22.10 21.74 2.85
CA PHE A 261 -22.74 20.43 3.04
C PHE A 261 -23.64 20.41 4.27
N SER A 262 -23.33 21.22 5.29
CA SER A 262 -24.14 21.25 6.49
C SER A 262 -25.59 21.62 6.17
N ARG A 263 -25.79 22.61 5.31
CA ARG A 263 -27.15 23.00 4.94
C ARG A 263 -27.91 21.84 4.33
N ALA A 264 -27.22 20.99 3.54
CA ALA A 264 -27.89 19.91 2.85
C ALA A 264 -28.22 18.75 3.77
N ILE A 265 -27.40 18.50 4.80
CA ILE A 265 -27.59 17.35 5.68
C ILE A 265 -28.24 17.76 7.01
N SER A 266 -28.69 19.01 7.13
CA SER A 266 -29.19 19.49 8.41
C SER A 266 -30.49 18.78 8.80
N THR A 267 -31.33 18.47 7.82
CA THR A 267 -32.60 17.79 8.10
C THR A 267 -32.42 16.30 8.35
N CYS A 268 -31.22 15.75 8.14
CA CYS A 268 -30.98 14.32 8.29
C CYS A 268 -30.97 13.95 9.77
N THR A 269 -32.11 13.43 10.25
CA THR A 269 -32.21 13.06 11.66
C THR A 269 -31.52 11.73 11.95
N GLU A 270 -31.64 10.77 11.04
CA GLU A 270 -31.24 9.39 11.30
C GLU A 270 -29.84 9.06 10.81
N LEU A 271 -29.09 10.04 10.32
CA LEU A 271 -27.76 9.76 9.77
C LEU A 271 -26.87 9.09 10.81
N LYS A 272 -26.29 7.95 10.42
CA LYS A 272 -25.38 7.21 11.28
C LYS A 272 -23.94 7.21 10.80
N LEU A 273 -23.69 7.43 9.52
CA LEU A 273 -22.34 7.48 8.98
C LEU A 273 -22.25 8.62 7.96
N LEU A 274 -21.30 9.53 8.18
CA LEU A 274 -21.03 10.64 7.27
C LEU A 274 -19.56 10.58 6.89
N ASN A 275 -19.30 10.23 5.63
CA ASN A 275 -17.95 10.20 5.07
C ASN A 275 -17.88 11.25 3.96
N ILE A 276 -17.29 12.40 4.28
CA ILE A 276 -17.05 13.45 3.30
C ILE A 276 -15.55 13.66 3.09
N SER A 277 -14.74 12.67 3.43
CA SER A 277 -13.29 12.81 3.36
C SER A 277 -12.83 12.97 1.90
N SER A 278 -11.63 13.52 1.74
CA SER A 278 -10.98 13.65 0.44
C SER A 278 -11.84 14.47 -0.52
N ASN A 279 -12.06 15.74 -0.16
CA ASN A 279 -12.72 16.70 -1.01
C ASN A 279 -11.99 18.03 -0.89
N GLN A 280 -12.59 19.09 -1.43
CA GLN A 280 -12.01 20.42 -1.38
C GLN A 280 -12.80 21.28 -0.40
N PHE A 281 -13.02 20.79 0.82
CA PHE A 281 -13.78 21.52 1.82
C PHE A 281 -12.86 22.44 2.60
N VAL A 282 -13.39 23.61 2.98
CA VAL A 282 -12.63 24.66 3.64
C VAL A 282 -13.38 25.13 4.88
N GLY A 283 -12.65 25.82 5.75
CA GLY A 283 -13.25 26.50 6.87
C GLY A 283 -13.43 25.62 8.09
N PRO A 284 -14.08 26.16 9.13
CA PRO A 284 -14.28 25.40 10.36
C PRO A 284 -15.39 24.37 10.21
N ILE A 285 -15.53 23.53 11.23
CA ILE A 285 -16.53 22.46 11.24
C ILE A 285 -17.91 23.10 11.38
N PRO A 286 -18.80 22.96 10.40
CA PRO A 286 -20.14 23.52 10.54
C PRO A 286 -21.00 22.67 11.47
N PRO A 287 -22.20 23.12 11.80
CA PRO A 287 -23.09 22.31 12.63
C PRO A 287 -23.48 21.03 11.91
N LEU A 288 -23.69 19.97 12.70
CA LEU A 288 -23.97 18.64 12.17
C LEU A 288 -25.09 18.01 12.97
N PRO A 289 -25.88 17.13 12.33
CA PRO A 289 -26.87 16.34 13.08
C PRO A 289 -26.18 15.20 13.81
N LEU A 290 -26.10 15.31 15.14
CA LEU A 290 -25.35 14.36 15.94
C LEU A 290 -26.21 13.29 16.60
N LYS A 291 -27.53 13.37 16.48
CA LYS A 291 -28.41 12.54 17.29
C LYS A 291 -28.13 11.06 17.10
N SER A 292 -27.76 10.64 15.91
CA SER A 292 -27.56 9.23 15.60
C SER A 292 -26.17 8.91 15.07
N LEU A 293 -25.28 9.90 15.01
CA LEU A 293 -24.03 9.73 14.28
C LEU A 293 -23.11 8.73 14.97
N GLN A 294 -22.77 7.65 14.26
CA GLN A 294 -21.82 6.66 14.75
C GLN A 294 -20.42 6.84 14.14
N TYR A 295 -20.35 7.16 12.85
CA TYR A 295 -19.07 7.39 12.18
C TYR A 295 -19.09 8.75 11.50
N LEU A 296 -17.96 9.44 11.55
CA LEU A 296 -17.85 10.80 11.00
C LEU A 296 -16.41 11.02 10.54
N SER A 297 -16.24 11.26 9.24
CA SER A 297 -14.91 11.47 8.66
C SER A 297 -14.92 12.72 7.80
N LEU A 298 -14.20 13.75 8.25
CA LEU A 298 -13.96 14.95 7.46
C LEU A 298 -12.53 15.00 6.94
N ALA A 299 -11.87 13.84 6.85
CA ALA A 299 -10.43 13.81 6.65
C ALA A 299 -10.04 14.21 5.22
N GLU A 300 -8.78 14.62 5.09
CA GLU A 300 -8.18 14.93 3.79
C GLU A 300 -8.95 16.04 3.08
N ASN A 301 -9.35 17.05 3.83
CA ASN A 301 -9.90 18.26 3.25
C ASN A 301 -9.02 19.44 3.65
N LYS A 302 -9.60 20.63 3.81
CA LYS A 302 -8.86 21.83 4.18
C LYS A 302 -9.61 22.57 5.27
N PHE A 303 -10.09 21.83 6.26
CA PHE A 303 -10.80 22.43 7.39
C PHE A 303 -9.80 23.10 8.34
N THR A 304 -10.13 24.31 8.75
CA THR A 304 -9.31 25.10 9.64
C THR A 304 -9.94 25.16 11.03
N GLY A 305 -9.17 25.68 11.98
CA GLY A 305 -9.70 25.95 13.30
C GLY A 305 -9.36 24.91 14.34
N GLU A 306 -10.27 24.71 15.29
CA GLU A 306 -10.06 23.81 16.41
C GLU A 306 -11.35 23.03 16.65
N ILE A 307 -11.19 21.82 17.19
CA ILE A 307 -12.32 20.89 17.35
C ILE A 307 -13.39 21.59 18.19
N PRO A 308 -14.57 21.86 17.62
CA PRO A 308 -15.59 22.57 18.38
C PRO A 308 -16.03 21.80 19.61
N ASP A 309 -16.59 22.54 20.57
CA ASP A 309 -17.18 21.91 21.75
C ASP A 309 -18.55 21.32 21.45
N PHE A 310 -19.26 21.82 20.43
CA PHE A 310 -20.60 21.33 20.15
C PHE A 310 -20.59 19.87 19.71
N LEU A 311 -19.46 19.37 19.22
CA LEU A 311 -19.38 17.97 18.81
C LEU A 311 -19.55 17.01 19.98
N SER A 312 -19.60 17.52 21.21
CA SER A 312 -19.89 16.65 22.36
C SER A 312 -21.24 15.95 22.19
N GLY A 313 -22.18 16.57 21.47
CA GLY A 313 -23.50 16.00 21.31
C GLY A 313 -23.51 14.61 20.72
N ALA A 314 -22.42 14.19 20.07
CA ALA A 314 -22.34 12.88 19.45
C ALA A 314 -21.77 11.81 20.38
N CYS A 315 -21.17 12.20 21.50
CA CYS A 315 -20.50 11.23 22.36
C CYS A 315 -21.44 10.11 22.81
N ASP A 316 -22.75 10.32 22.72
CA ASP A 316 -23.69 9.26 23.08
C ASP A 316 -23.74 8.15 22.03
N THR A 317 -23.35 8.45 20.79
CA THR A 317 -23.41 7.49 19.70
C THR A 317 -22.10 7.32 18.94
N LEU A 318 -21.18 8.27 19.02
CA LEU A 318 -20.03 8.28 18.13
C LEU A 318 -19.11 7.10 18.40
N THR A 319 -18.82 6.33 17.34
CA THR A 319 -17.92 5.19 17.40
C THR A 319 -16.58 5.45 16.73
N GLY A 320 -16.59 6.16 15.59
CA GLY A 320 -15.37 6.45 14.87
C GLY A 320 -15.31 7.88 14.38
N LEU A 321 -14.22 8.57 14.72
CA LEU A 321 -13.98 9.95 14.30
C LEU A 321 -12.68 10.00 13.50
N ASP A 322 -12.67 10.81 12.45
CA ASP A 322 -11.48 10.97 11.63
C ASP A 322 -11.43 12.41 11.14
N LEU A 323 -10.49 13.18 11.70
CA LEU A 323 -10.28 14.58 11.33
C LEU A 323 -8.91 14.77 10.69
N SER A 324 -8.26 13.69 10.26
CA SER A 324 -6.87 13.77 9.82
C SER A 324 -6.76 14.55 8.51
N GLY A 325 -5.53 14.97 8.22
CA GLY A 325 -5.22 15.60 6.95
C GLY A 325 -5.95 16.90 6.72
N ASN A 326 -5.97 17.77 7.73
CA ASN A 326 -6.59 19.08 7.62
C ASN A 326 -5.63 20.10 8.22
N HIS A 327 -6.16 21.27 8.57
CA HIS A 327 -5.36 22.35 9.15
C HIS A 327 -5.88 22.75 10.53
N PHE A 328 -6.47 21.80 11.25
CA PHE A 328 -6.91 22.07 12.61
C PHE A 328 -5.71 22.34 13.51
N TYR A 329 -5.91 23.21 14.49
CA TYR A 329 -4.91 23.49 15.51
C TYR A 329 -5.57 23.41 16.89
N GLY A 330 -4.72 23.54 17.92
CA GLY A 330 -5.20 23.47 19.29
C GLY A 330 -4.83 22.17 19.97
N ALA A 331 -5.71 21.68 20.85
CA ALA A 331 -5.48 20.45 21.58
C ALA A 331 -6.80 19.69 21.71
N VAL A 332 -6.69 18.42 22.09
CA VAL A 332 -7.86 17.56 22.26
C VAL A 332 -8.81 18.22 23.25
N PRO A 333 -10.00 18.62 22.85
CA PRO A 333 -10.95 19.20 23.80
C PRO A 333 -11.22 18.26 24.96
N PRO A 334 -11.81 18.76 26.05
CA PRO A 334 -11.97 17.93 27.25
C PRO A 334 -13.23 17.07 27.23
N PHE A 335 -14.23 17.47 26.44
CA PHE A 335 -15.49 16.75 26.41
C PHE A 335 -15.37 15.35 25.82
N PHE A 336 -14.17 14.95 25.36
CA PHE A 336 -13.99 13.63 24.79
C PHE A 336 -14.07 12.52 25.82
N GLY A 337 -14.10 12.85 27.12
CA GLY A 337 -14.28 11.83 28.13
C GLY A 337 -15.65 11.20 28.10
N SER A 338 -16.68 11.99 27.74
CA SER A 338 -18.02 11.45 27.63
C SER A 338 -18.19 10.56 26.40
N CYS A 339 -17.31 10.69 25.41
CA CYS A 339 -17.33 9.82 24.24
C CYS A 339 -16.89 8.41 24.64
N SER A 340 -17.69 7.75 25.47
CA SER A 340 -17.32 6.44 25.99
C SER A 340 -17.36 5.37 24.91
N LEU A 341 -18.02 5.63 23.78
CA LEU A 341 -18.17 4.63 22.74
C LEU A 341 -17.11 4.74 21.63
N LEU A 342 -16.38 5.86 21.57
CA LEU A 342 -15.41 6.08 20.51
C LEU A 342 -14.40 4.93 20.47
N GLU A 343 -14.43 4.15 19.40
CA GLU A 343 -13.48 3.05 19.23
C GLU A 343 -12.20 3.49 18.54
N SER A 344 -12.23 4.57 17.76
CA SER A 344 -11.06 5.01 17.02
C SER A 344 -11.05 6.53 16.96
N LEU A 345 -9.87 7.11 17.16
CA LEU A 345 -9.67 8.56 17.13
C LEU A 345 -8.50 8.85 16.21
N ALA A 346 -8.80 9.32 15.00
CA ALA A 346 -7.79 9.71 14.03
C ALA A 346 -7.74 11.24 13.98
N LEU A 347 -6.57 11.80 14.31
CA LEU A 347 -6.39 13.25 14.38
C LEU A 347 -5.05 13.66 13.77
N SER A 348 -4.52 12.87 12.85
CA SER A 348 -3.15 13.05 12.41
C SER A 348 -3.06 14.05 11.24
N SER A 349 -1.87 14.62 11.07
CA SER A 349 -1.55 15.48 9.95
C SER A 349 -2.35 16.79 9.98
N ASN A 350 -2.44 17.38 11.17
CA ASN A 350 -2.97 18.73 11.31
C ASN A 350 -1.91 19.57 12.00
N ASN A 351 -2.29 20.38 12.98
CA ASN A 351 -1.34 21.18 13.73
C ASN A 351 -1.82 21.26 15.19
N PHE A 352 -2.02 20.10 15.79
CA PHE A 352 -2.46 19.99 17.18
C PHE A 352 -1.23 19.99 18.10
N SER A 353 -1.33 20.74 19.20
CA SER A 353 -0.22 20.90 20.13
C SER A 353 -0.70 20.61 21.56
N GLY A 354 0.25 20.61 22.49
CA GLY A 354 -0.02 20.40 23.89
C GLY A 354 0.43 19.03 24.36
N GLU A 355 0.49 18.89 25.68
CA GLU A 355 0.83 17.61 26.28
C GLU A 355 -0.27 16.58 26.00
N LEU A 356 0.10 15.31 26.11
CA LEU A 356 -0.86 14.24 25.89
C LEU A 356 -2.05 14.43 26.82
N PRO A 357 -3.22 14.82 26.30
CA PRO A 357 -4.36 15.08 27.18
C PRO A 357 -4.95 13.80 27.75
N MET A 358 -4.13 13.03 28.47
CA MET A 358 -4.56 11.70 28.91
C MET A 358 -5.67 11.79 29.95
N ASP A 359 -5.72 12.87 30.75
CA ASP A 359 -6.79 13.02 31.71
C ASP A 359 -8.16 12.79 31.09
N THR A 360 -8.27 12.89 29.77
CA THR A 360 -9.48 12.57 29.03
C THR A 360 -9.46 11.17 28.42
N LEU A 361 -8.30 10.73 27.92
CA LEU A 361 -8.24 9.45 27.20
C LEU A 361 -8.66 8.28 28.08
N LEU A 362 -8.48 8.40 29.40
CA LEU A 362 -8.73 7.27 30.29
C LEU A 362 -10.20 6.96 30.45
N LYS A 363 -11.09 7.93 30.19
CA LYS A 363 -12.52 7.64 30.21
C LYS A 363 -12.97 6.88 28.97
N MET A 364 -12.17 6.91 27.90
CA MET A 364 -12.50 6.19 26.67
C MET A 364 -12.30 4.70 26.92
N ARG A 365 -13.29 4.09 27.58
CA ARG A 365 -13.22 2.67 27.87
C ARG A 365 -13.06 1.86 26.58
N GLY A 366 -13.70 2.31 25.50
CA GLY A 366 -13.76 1.55 24.27
C GLY A 366 -12.74 1.90 23.21
N LEU A 367 -11.87 2.88 23.46
CA LEU A 367 -10.89 3.28 22.46
C LEU A 367 -10.00 2.09 22.12
N LYS A 368 -9.83 1.84 20.82
CA LYS A 368 -8.98 0.77 20.33
C LYS A 368 -7.97 1.21 19.29
N VAL A 369 -8.13 2.40 18.71
CA VAL A 369 -7.18 2.97 17.75
C VAL A 369 -7.01 4.44 18.10
N LEU A 370 -5.79 4.85 18.43
CA LEU A 370 -5.47 6.24 18.69
C LEU A 370 -4.35 6.67 17.77
N ASP A 371 -4.61 7.69 16.95
CA ASP A 371 -3.67 8.17 15.94
C ASP A 371 -3.60 9.69 16.02
N LEU A 372 -2.58 10.20 16.70
CA LEU A 372 -2.32 11.63 16.82
C LEU A 372 -1.04 12.03 16.10
N SER A 373 -0.67 11.31 15.05
CA SER A 373 0.60 11.51 14.40
C SER A 373 0.61 12.80 13.57
N PHE A 374 1.81 13.27 13.27
CA PHE A 374 2.00 14.42 12.39
C PHE A 374 1.26 15.66 12.93
N ASN A 375 1.50 15.95 14.20
CA ASN A 375 1.09 17.21 14.79
C ASN A 375 2.25 17.76 15.60
N GLU A 376 1.99 18.55 16.64
CA GLU A 376 3.05 19.10 17.48
C GLU A 376 2.74 18.91 18.95
N PHE A 377 2.08 17.80 19.31
CA PHE A 377 1.95 17.44 20.71
C PHE A 377 3.33 17.37 21.35
N SER A 378 3.45 17.92 22.55
CA SER A 378 4.73 18.04 23.23
C SER A 378 4.68 17.38 24.61
N GLY A 379 5.76 17.53 25.38
CA GLY A 379 5.79 17.01 26.72
C GLY A 379 6.11 15.53 26.77
N GLU A 380 6.26 15.05 28.00
CA GLU A 380 6.55 13.64 28.24
C GLU A 380 5.28 12.81 28.11
N LEU A 381 5.40 11.50 28.31
CA LEU A 381 4.28 10.59 28.27
C LEU A 381 3.76 10.38 29.69
N PRO A 382 2.64 11.01 30.07
CA PRO A 382 2.18 10.86 31.46
C PRO A 382 2.01 9.40 31.84
N GLU A 383 2.16 9.12 33.15
CA GLU A 383 2.32 7.75 33.62
C GLU A 383 1.08 6.90 33.38
N SER A 384 -0.10 7.50 33.33
CA SER A 384 -1.35 6.76 33.34
C SER A 384 -1.71 6.15 31.98
N LEU A 385 -0.79 6.12 31.01
CA LEU A 385 -1.08 5.48 29.74
C LEU A 385 -1.03 3.95 29.85
N THR A 386 -0.31 3.43 30.84
CA THR A 386 -0.29 1.99 31.07
C THR A 386 -1.70 1.42 31.19
N ASN A 387 -2.60 2.16 31.84
CA ASN A 387 -3.95 1.66 32.05
C ASN A 387 -4.68 1.49 30.73
N LEU A 388 -4.46 2.39 29.78
CA LEU A 388 -5.15 2.32 28.49
C LEU A 388 -4.56 1.28 27.55
N SER A 389 -3.28 0.93 27.72
CA SER A 389 -2.66 -0.08 26.88
C SER A 389 -3.43 -1.40 26.87
N ALA A 390 -4.22 -1.66 27.91
CA ALA A 390 -4.99 -2.90 27.96
C ALA A 390 -6.18 -2.87 27.01
N SER A 391 -6.74 -1.68 26.74
CA SER A 391 -7.88 -1.55 25.84
C SER A 391 -7.47 -1.25 24.41
N LEU A 392 -6.36 -0.55 24.21
CA LEU A 392 -5.98 -0.11 22.87
C LEU A 392 -5.40 -1.25 22.05
N LEU A 393 -5.48 -1.10 20.73
CA LEU A 393 -4.81 -1.97 19.78
C LEU A 393 -3.75 -1.25 18.95
N THR A 394 -3.85 0.07 18.80
CA THR A 394 -2.88 0.86 18.07
C THR A 394 -2.68 2.18 18.78
N LEU A 395 -1.41 2.56 18.98
CA LEU A 395 -1.05 3.87 19.52
C LEU A 395 -0.06 4.49 18.56
N ASP A 396 -0.43 5.64 17.98
CA ASP A 396 0.41 6.33 17.00
C ASP A 396 0.62 7.77 17.46
N LEU A 397 1.73 8.00 18.15
CA LEU A 397 2.17 9.34 18.52
C LEU A 397 3.27 9.86 17.61
N SER A 398 3.44 9.24 16.44
CA SER A 398 4.60 9.52 15.60
C SER A 398 4.53 10.92 15.00
N SER A 399 5.71 11.45 14.67
CA SER A 399 5.83 12.76 14.03
C SER A 399 5.13 13.85 14.84
N ASN A 400 5.43 13.88 16.14
CA ASN A 400 5.00 14.98 17.00
C ASN A 400 6.24 15.59 17.64
N ASN A 401 6.10 16.16 18.85
CA ASN A 401 7.22 16.79 19.53
C ASN A 401 7.29 16.33 20.99
N PHE A 402 6.90 15.08 21.27
CA PHE A 402 7.03 14.55 22.61
C PHE A 402 8.51 14.44 22.99
N SER A 403 8.75 14.14 24.27
CA SER A 403 10.10 14.07 24.79
C SER A 403 10.09 13.19 26.04
N GLY A 404 11.25 13.07 26.67
CA GLY A 404 11.38 12.32 27.88
C GLY A 404 11.51 10.83 27.64
N PRO A 405 11.57 10.05 28.71
CA PRO A 405 11.72 8.60 28.56
C PRO A 405 10.43 7.94 28.06
N ILE A 406 10.61 6.89 27.27
CA ILE A 406 9.49 6.02 26.94
C ILE A 406 9.10 5.26 28.20
N LEU A 407 7.86 5.44 28.64
CA LEU A 407 7.41 4.95 29.93
C LEU A 407 7.79 3.49 30.13
N PRO A 408 8.67 3.19 31.09
CA PRO A 408 8.99 1.77 31.34
C PRO A 408 7.78 0.96 31.75
N ASN A 409 6.97 1.47 32.67
CA ASN A 409 5.81 0.72 33.14
C ASN A 409 4.82 0.39 32.03
N LEU A 410 4.94 1.02 30.86
CA LEU A 410 4.02 0.75 29.76
C LEU A 410 3.82 -0.75 29.59
N CYS A 411 2.56 -1.14 29.34
CA CYS A 411 2.15 -2.53 29.23
C CYS A 411 2.35 -3.30 30.54
N GLN A 412 2.36 -2.60 31.68
CA GLN A 412 2.33 -3.29 32.96
C GLN A 412 0.98 -3.95 33.18
N ASN A 413 -0.10 -3.19 32.96
CA ASN A 413 -1.47 -3.71 32.98
C ASN A 413 -1.52 -4.99 32.15
N PRO A 414 -1.54 -6.18 32.78
CA PRO A 414 -1.50 -7.42 32.01
C PRO A 414 -2.65 -7.51 31.02
N LYS A 415 -2.51 -8.44 30.08
CA LYS A 415 -3.46 -8.62 28.99
C LYS A 415 -3.40 -7.47 27.98
N ASN A 416 -2.21 -6.90 27.81
CA ASN A 416 -2.02 -5.81 26.86
C ASN A 416 -2.34 -6.28 25.45
N THR A 417 -3.52 -5.91 24.94
CA THR A 417 -3.89 -6.27 23.58
C THR A 417 -3.29 -5.33 22.55
N LEU A 418 -2.52 -4.34 22.96
CA LEU A 418 -1.90 -3.40 22.03
C LEU A 418 -1.07 -4.14 21.00
N GLN A 419 -1.26 -3.79 19.73
CA GLN A 419 -0.61 -4.46 18.61
C GLN A 419 0.40 -3.58 17.88
N GLU A 420 0.22 -2.26 17.90
CA GLU A 420 1.06 -1.36 17.14
C GLU A 420 1.46 -0.18 18.00
N LEU A 421 2.77 0.09 18.06
CA LEU A 421 3.31 1.20 18.84
C LEU A 421 4.18 2.04 17.92
N TYR A 422 3.70 3.23 17.57
CA TYR A 422 4.38 4.14 16.66
C TYR A 422 4.76 5.41 17.42
N LEU A 423 6.02 5.48 17.86
CA LEU A 423 6.53 6.62 18.59
C LEU A 423 7.67 7.32 17.86
N GLN A 424 7.84 7.04 16.56
CA GLN A 424 8.99 7.55 15.84
C GLN A 424 8.83 9.04 15.53
N ASN A 425 9.96 9.67 15.20
CA ASN A 425 10.03 11.10 14.94
C ASN A 425 9.45 11.90 16.12
N ASN A 426 10.24 11.91 17.19
CA ASN A 426 9.90 12.61 18.42
C ASN A 426 11.19 12.97 19.14
N GLY A 427 11.07 13.43 20.38
CA GLY A 427 12.24 13.77 21.17
C GLY A 427 12.45 12.85 22.36
N PHE A 428 12.01 11.61 22.25
CA PHE A 428 12.18 10.66 23.35
C PHE A 428 13.66 10.33 23.55
N THR A 429 14.02 10.10 24.81
CA THR A 429 15.40 9.82 25.19
C THR A 429 15.42 8.68 26.20
N GLY A 430 16.62 8.24 26.55
CA GLY A 430 16.79 7.15 27.48
C GLY A 430 16.79 5.79 26.80
N LYS A 431 17.07 4.77 27.60
CA LYS A 431 17.13 3.40 27.08
C LYS A 431 15.76 3.00 26.54
N ILE A 432 15.77 2.01 25.65
CA ILE A 432 14.53 1.41 25.16
C ILE A 432 13.97 0.54 26.28
N PRO A 433 12.79 0.84 26.81
CA PRO A 433 12.25 0.05 27.92
C PRO A 433 12.18 -1.43 27.56
N PRO A 434 12.75 -2.30 28.39
CA PRO A 434 12.57 -3.74 28.16
C PRO A 434 11.18 -4.23 28.51
N THR A 435 10.41 -3.44 29.27
CA THR A 435 9.02 -3.79 29.57
C THR A 435 8.18 -3.93 28.32
N LEU A 436 8.61 -3.35 27.20
CA LEU A 436 7.85 -3.45 25.96
C LEU A 436 7.60 -4.91 25.56
N SER A 437 8.37 -5.85 26.12
CA SER A 437 8.11 -7.26 25.86
C SER A 437 6.83 -7.75 26.50
N ASN A 438 6.29 -7.01 27.47
CA ASN A 438 5.05 -7.43 28.13
C ASN A 438 3.83 -7.29 27.23
N CYS A 439 3.88 -6.40 26.24
CA CYS A 439 2.83 -6.36 25.22
C CYS A 439 2.97 -7.59 24.32
N SER A 440 2.39 -8.72 24.73
CA SER A 440 2.61 -9.97 24.03
C SER A 440 1.82 -10.09 22.72
N GLU A 441 0.94 -9.14 22.43
CA GLU A 441 0.22 -9.12 21.16
C GLU A 441 0.81 -8.13 20.17
N LEU A 442 1.94 -7.50 20.52
CA LEU A 442 2.53 -6.48 19.67
C LEU A 442 2.88 -7.06 18.30
N VAL A 443 2.72 -6.24 17.27
CA VAL A 443 3.02 -6.66 15.90
C VAL A 443 3.91 -5.68 15.16
N SER A 444 4.03 -4.43 15.59
CA SER A 444 4.93 -3.47 14.95
C SER A 444 5.41 -2.49 16.00
N LEU A 445 6.73 -2.36 16.13
CA LEU A 445 7.36 -1.42 17.05
C LEU A 445 8.21 -0.45 16.24
N HIS A 446 7.92 0.85 16.39
CA HIS A 446 8.55 1.89 15.57
C HIS A 446 8.98 3.04 16.49
N LEU A 447 10.25 2.99 16.92
CA LEU A 447 10.82 4.01 17.78
C LEU A 447 11.91 4.81 17.07
N SER A 448 11.95 4.76 15.74
CA SER A 448 12.98 5.43 14.98
C SER A 448 12.88 6.94 15.16
N PHE A 449 13.92 7.64 14.72
CA PHE A 449 13.97 9.10 14.74
C PHE A 449 13.67 9.64 16.14
N ASN A 450 14.50 9.21 17.08
CA ASN A 450 14.48 9.73 18.43
C ASN A 450 15.94 9.89 18.87
N TYR A 451 16.17 9.99 20.17
CA TYR A 451 17.51 10.14 20.72
C TYR A 451 17.75 9.10 21.80
N LEU A 452 17.28 7.88 21.57
CA LEU A 452 17.39 6.82 22.56
C LEU A 452 18.82 6.28 22.61
N SER A 453 19.29 6.03 23.83
CA SER A 453 20.60 5.48 24.08
C SER A 453 20.46 4.03 24.56
N GLY A 454 21.57 3.46 25.02
CA GLY A 454 21.53 2.12 25.54
C GLY A 454 21.62 1.08 24.44
N THR A 455 21.06 -0.09 24.72
CA THR A 455 21.12 -1.25 23.84
C THR A 455 19.72 -1.63 23.38
N ILE A 456 19.67 -2.61 22.48
CA ILE A 456 18.42 -3.15 21.96
C ILE A 456 17.95 -4.23 22.94
N PRO A 457 16.84 -4.04 23.64
CA PRO A 457 16.44 -5.00 24.68
C PRO A 457 16.35 -6.42 24.14
N SER A 458 16.94 -7.36 24.89
CA SER A 458 16.88 -8.76 24.48
C SER A 458 15.48 -9.33 24.67
N SER A 459 14.68 -8.76 25.58
CA SER A 459 13.34 -9.27 25.83
C SER A 459 12.43 -9.12 24.61
N LEU A 460 12.81 -8.28 23.64
CA LEU A 460 12.01 -8.18 22.41
C LEU A 460 11.91 -9.53 21.70
N GLY A 461 12.89 -10.41 21.89
CA GLY A 461 12.78 -11.76 21.41
C GLY A 461 11.58 -12.50 21.96
N SER A 462 11.08 -12.09 23.12
CA SER A 462 9.87 -12.65 23.68
C SER A 462 8.62 -12.21 22.95
N LEU A 463 8.70 -11.17 22.12
CA LEU A 463 7.58 -10.72 21.30
C LEU A 463 7.40 -11.71 20.15
N SER A 464 6.68 -12.78 20.45
CA SER A 464 6.58 -13.89 19.51
C SER A 464 5.90 -13.49 18.21
N LYS A 465 5.02 -12.49 18.24
CA LYS A 465 4.25 -12.10 17.07
C LYS A 465 4.79 -10.87 16.36
N LEU A 466 5.71 -10.12 16.96
CA LEU A 466 6.26 -8.92 16.35
C LEU A 466 6.76 -9.21 14.95
N ARG A 467 6.37 -8.37 13.99
CA ARG A 467 6.78 -8.51 12.60
C ARG A 467 7.62 -7.35 12.08
N ASP A 468 7.62 -6.20 12.75
CA ASP A 468 8.35 -5.02 12.30
C ASP A 468 9.04 -4.36 13.48
N LEU A 469 10.37 -4.32 13.44
CA LEU A 469 11.19 -3.67 14.45
C LEU A 469 11.99 -2.57 13.78
N LYS A 470 11.73 -1.32 14.14
CA LYS A 470 12.37 -0.17 13.49
C LYS A 470 12.89 0.77 14.56
N LEU A 471 14.21 0.97 14.58
CA LEU A 471 14.84 1.79 15.60
C LEU A 471 15.96 2.65 15.02
N TRP A 472 15.90 3.00 13.74
CA TRP A 472 17.01 3.69 13.12
C TRP A 472 16.96 5.18 13.46
N LEU A 473 18.11 5.84 13.29
CA LEU A 473 18.34 7.20 13.79
C LEU A 473 18.06 7.27 15.28
N ASN A 474 18.99 6.73 16.06
CA ASN A 474 19.01 6.87 17.50
C ASN A 474 20.48 6.85 17.93
N MET A 475 20.73 6.53 19.20
CA MET A 475 22.09 6.33 19.70
C MET A 475 22.19 4.98 20.41
N LEU A 476 21.73 3.93 19.73
CA LEU A 476 21.67 2.60 20.30
C LEU A 476 23.02 1.92 20.14
N GLU A 477 23.77 1.80 21.24
CA GLU A 477 25.03 1.09 21.23
C GLU A 477 24.77 -0.40 21.41
N GLY A 478 25.84 -1.18 21.49
CA GLY A 478 25.72 -2.60 21.75
C GLY A 478 25.62 -3.43 20.50
N GLU A 479 25.29 -4.70 20.71
CA GLU A 479 25.18 -5.68 19.64
C GLU A 479 23.73 -6.02 19.37
N ILE A 480 23.50 -6.55 18.17
CA ILE A 480 22.16 -6.95 17.73
C ILE A 480 21.78 -8.20 18.51
N PRO A 481 20.69 -8.17 19.29
CA PRO A 481 20.41 -9.30 20.19
C PRO A 481 20.38 -10.65 19.47
N GLN A 482 21.11 -11.61 20.04
CA GLN A 482 21.00 -12.98 19.55
C GLN A 482 19.60 -13.53 19.76
N GLU A 483 18.90 -13.07 20.80
CA GLU A 483 17.58 -13.57 21.16
C GLU A 483 16.51 -13.19 20.16
N LEU A 484 16.86 -12.49 19.08
CA LEU A 484 15.90 -12.26 17.99
C LEU A 484 15.59 -13.54 17.24
N MET A 485 16.38 -14.60 17.42
CA MET A 485 16.06 -15.89 16.81
C MET A 485 14.70 -16.39 17.26
N TYR A 486 14.28 -16.02 18.47
CA TYR A 486 12.99 -16.45 19.00
C TYR A 486 11.81 -15.75 18.35
N VAL A 487 12.04 -14.92 17.34
CA VAL A 487 10.98 -14.20 16.65
C VAL A 487 10.82 -14.85 15.28
N LYS A 488 9.86 -15.77 15.17
CA LYS A 488 9.62 -16.46 13.91
C LYS A 488 8.82 -15.63 12.93
N THR A 489 8.18 -14.55 13.40
CA THR A 489 7.34 -13.72 12.54
C THR A 489 8.10 -12.53 11.95
N LEU A 490 9.25 -12.18 12.51
CA LEU A 490 9.97 -10.97 12.10
C LEU A 490 10.09 -10.90 10.58
N GLU A 491 9.77 -9.72 10.04
CA GLU A 491 9.82 -9.48 8.61
C GLU A 491 10.74 -8.32 8.22
N THR A 492 10.87 -7.30 9.07
CA THR A 492 11.72 -6.16 8.79
C THR A 492 12.53 -5.82 10.03
N LEU A 493 13.84 -5.59 9.84
CA LEU A 493 14.75 -5.19 10.91
C LEU A 493 15.54 -4.00 10.40
N ILE A 494 15.20 -2.81 10.88
CA ILE A 494 15.77 -1.56 10.37
C ILE A 494 16.47 -0.84 11.53
N LEU A 495 17.80 -0.86 11.53
CA LEU A 495 18.59 -0.30 12.61
C LEU A 495 19.66 0.66 12.09
N ASP A 496 19.36 1.36 10.99
CA ASP A 496 20.33 2.27 10.41
C ASP A 496 20.65 3.40 11.38
N PHE A 497 21.80 4.04 11.16
CA PHE A 497 22.22 5.24 11.88
C PHE A 497 22.11 5.04 13.39
N ASN A 498 22.95 4.15 13.88
CA ASN A 498 23.13 3.91 15.31
C ASN A 498 24.59 3.57 15.56
N ASP A 499 24.92 3.36 16.84
CA ASP A 499 26.28 2.96 17.23
C ASP A 499 26.35 1.46 17.53
N LEU A 500 25.66 0.66 16.73
CA LEU A 500 25.67 -0.79 16.92
C LEU A 500 27.03 -1.37 16.51
N THR A 501 27.39 -2.47 17.16
CA THR A 501 28.71 -3.05 16.98
C THR A 501 28.60 -4.57 17.05
N GLY A 502 29.75 -5.23 16.96
CA GLY A 502 29.77 -6.67 16.91
C GLY A 502 29.40 -7.17 15.54
N GLU A 503 29.24 -8.49 15.45
CA GLU A 503 28.93 -9.17 14.21
C GLU A 503 27.44 -9.38 14.08
N ILE A 504 27.04 -9.84 12.89
CA ILE A 504 25.64 -10.12 12.60
C ILE A 504 25.24 -11.37 13.38
N PRO A 505 24.29 -11.28 14.31
CA PRO A 505 23.92 -12.47 15.10
C PRO A 505 23.56 -13.66 14.22
N SER A 506 24.08 -14.82 14.59
CA SER A 506 23.73 -16.06 13.90
C SER A 506 22.25 -16.36 14.01
N GLY A 507 21.57 -15.81 15.03
CA GLY A 507 20.19 -16.16 15.28
C GLY A 507 19.21 -15.68 14.23
N LEU A 508 19.58 -14.65 13.47
CA LEU A 508 18.66 -14.15 12.44
C LEU A 508 18.40 -15.19 11.36
N SER A 509 19.27 -16.19 11.23
CA SER A 509 18.99 -17.30 10.32
C SER A 509 17.59 -17.87 10.55
N ASN A 510 17.13 -17.84 11.81
CA ASN A 510 15.80 -18.36 12.13
C ASN A 510 14.69 -17.56 11.48
N CYS A 511 14.86 -16.24 11.41
CA CYS A 511 13.81 -15.36 10.91
C CYS A 511 13.66 -15.60 9.41
N THR A 512 13.00 -16.71 9.08
CA THR A 512 12.84 -17.10 7.68
C THR A 512 12.02 -16.08 6.90
N ASN A 513 11.06 -15.42 7.56
CA ASN A 513 10.20 -14.46 6.89
C ASN A 513 10.85 -13.10 6.69
N LEU A 514 12.03 -12.87 7.26
CA LEU A 514 12.69 -11.58 7.10
C LEU A 514 12.84 -11.23 5.62
N ASN A 515 12.35 -10.04 5.25
CA ASN A 515 12.45 -9.57 3.88
C ASN A 515 13.10 -8.20 3.74
N TRP A 516 13.42 -7.52 4.84
CA TRP A 516 14.01 -6.18 4.75
C TRP A 516 14.93 -6.00 5.96
N ILE A 517 16.23 -6.15 5.73
CA ILE A 517 17.26 -5.95 6.74
C ILE A 517 18.10 -4.75 6.32
N SER A 518 18.34 -3.83 7.25
CA SER A 518 19.08 -2.61 6.95
C SER A 518 19.87 -2.20 8.18
N LEU A 519 21.19 -2.19 8.05
CA LEU A 519 22.10 -1.93 9.17
C LEU A 519 23.18 -0.93 8.78
N SER A 520 22.80 0.11 8.05
CA SER A 520 23.78 1.04 7.50
C SER A 520 24.16 2.12 8.52
N ASN A 521 25.33 2.70 8.31
CA ASN A 521 25.84 3.79 9.15
C ASN A 521 25.97 3.37 10.62
N ASN A 522 26.46 2.15 10.82
CA ASN A 522 26.81 1.67 12.15
C ASN A 522 28.30 1.31 12.17
N ARG A 523 28.72 0.61 13.22
CA ARG A 523 30.08 0.12 13.36
C ARG A 523 30.11 -1.40 13.40
N LEU A 524 29.11 -2.05 12.79
CA LEU A 524 29.05 -3.50 12.75
C LEU A 524 30.26 -4.06 12.01
N THR A 525 30.58 -5.31 12.32
CA THR A 525 31.80 -5.95 11.82
C THR A 525 31.49 -7.40 11.48
N GLY A 526 32.54 -8.15 11.15
CA GLY A 526 32.39 -9.52 10.72
C GLY A 526 32.21 -9.61 9.21
N GLU A 527 31.78 -10.79 8.79
CA GLU A 527 31.47 -11.07 7.39
C GLU A 527 29.96 -11.29 7.25
N ILE A 528 29.50 -11.25 6.01
CA ILE A 528 28.11 -11.59 5.71
C ILE A 528 27.99 -13.10 5.90
N PRO A 529 27.09 -13.58 6.75
CA PRO A 529 27.02 -15.03 6.97
C PRO A 529 26.50 -15.76 5.74
N LYS A 530 27.07 -16.93 5.47
CA LYS A 530 26.61 -17.73 4.34
C LYS A 530 25.15 -18.13 4.51
N TRP A 531 24.66 -18.21 5.75
CA TRP A 531 23.26 -18.58 5.95
C TRP A 531 22.31 -17.48 5.52
N ILE A 532 22.80 -16.38 4.94
CA ILE A 532 21.91 -15.40 4.35
C ILE A 532 21.08 -16.02 3.24
N GLY A 533 21.60 -17.09 2.63
CA GLY A 533 20.90 -17.70 1.50
C GLY A 533 19.62 -18.41 1.90
N ARG A 534 19.56 -18.93 3.12
CA ARG A 534 18.36 -19.60 3.60
C ARG A 534 17.14 -18.70 3.60
N LEU A 535 17.30 -17.39 3.42
CA LEU A 535 16.19 -16.44 3.47
C LEU A 535 15.64 -16.27 2.06
N GLU A 536 14.73 -17.16 1.67
CA GLU A 536 14.08 -17.05 0.37
C GLU A 536 13.15 -15.85 0.28
N ASN A 537 13.00 -15.07 1.36
CA ASN A 537 12.12 -13.91 1.37
C ASN A 537 12.88 -12.60 1.46
N LEU A 538 14.19 -12.63 1.68
CA LEU A 538 14.97 -11.40 1.76
C LEU A 538 14.94 -10.67 0.43
N ALA A 539 14.51 -9.40 0.46
CA ALA A 539 14.46 -8.57 -0.72
C ALA A 539 15.39 -7.38 -0.67
N ILE A 540 15.64 -6.81 0.51
CA ILE A 540 16.45 -5.62 0.66
C ILE A 540 17.46 -5.87 1.77
N LEU A 541 18.74 -5.80 1.43
CA LEU A 541 19.83 -6.03 2.38
C LEU A 541 20.85 -4.90 2.19
N LYS A 542 20.91 -4.01 3.18
CA LYS A 542 21.71 -2.79 3.11
C LYS A 542 22.64 -2.72 4.32
N LEU A 543 23.94 -2.68 4.07
CA LEU A 543 24.95 -2.78 5.12
C LEU A 543 26.06 -1.76 4.91
N SER A 544 25.71 -0.57 4.43
CA SER A 544 26.71 0.39 4.01
C SER A 544 27.27 1.18 5.19
N ASN A 545 28.48 1.70 5.01
CA ASN A 545 29.14 2.55 5.99
C ASN A 545 29.36 1.83 7.31
N ASN A 546 29.61 0.52 7.23
CA ASN A 546 29.99 -0.30 8.38
C ASN A 546 31.45 -0.71 8.19
N SER A 547 31.87 -1.76 8.90
CA SER A 547 33.21 -2.32 8.77
C SER A 547 33.17 -3.82 8.52
N PHE A 548 32.13 -4.30 7.84
CA PHE A 548 32.09 -5.69 7.43
C PHE A 548 33.31 -6.02 6.56
N SER A 549 33.53 -7.31 6.35
CA SER A 549 34.72 -7.76 5.63
C SER A 549 34.46 -9.15 5.06
N GLY A 550 35.49 -9.67 4.38
CA GLY A 550 35.43 -11.01 3.83
C GLY A 550 34.96 -11.03 2.38
N ASN A 551 35.23 -12.15 1.72
CA ASN A 551 34.73 -12.38 0.37
C ASN A 551 33.20 -12.26 0.36
N ILE A 552 32.66 -11.80 -0.75
CA ILE A 552 31.20 -11.65 -0.86
C ILE A 552 30.56 -13.04 -0.91
N PRO A 553 29.56 -13.33 -0.07
CA PRO A 553 29.01 -14.70 -0.03
C PRO A 553 28.26 -15.03 -1.31
N ALA A 554 28.75 -16.05 -2.03
CA ALA A 554 28.03 -16.56 -3.18
C ALA A 554 26.65 -17.08 -2.80
N GLU A 555 26.42 -17.38 -1.52
CA GLU A 555 25.13 -17.89 -1.08
C GLU A 555 24.03 -16.85 -1.21
N LEU A 556 24.39 -15.56 -1.31
CA LEU A 556 23.38 -14.54 -1.64
C LEU A 556 22.64 -14.91 -2.92
N GLY A 557 23.31 -15.64 -3.82
CA GLY A 557 22.66 -16.12 -5.02
C GLY A 557 21.55 -17.12 -4.77
N ASP A 558 21.41 -17.61 -3.53
CA ASP A 558 20.31 -18.48 -3.15
C ASP A 558 19.16 -17.70 -2.51
N CYS A 559 19.06 -16.41 -2.79
CA CYS A 559 18.01 -15.56 -2.25
C CYS A 559 16.97 -15.34 -3.33
N ARG A 560 15.78 -15.93 -3.16
CA ARG A 560 14.75 -15.93 -4.18
C ARG A 560 13.99 -14.60 -4.27
N SER A 561 14.28 -13.64 -3.40
CA SER A 561 13.56 -12.36 -3.39
C SER A 561 14.46 -11.15 -3.48
N LEU A 562 15.78 -11.32 -3.46
CA LEU A 562 16.69 -10.18 -3.37
C LEU A 562 16.58 -9.30 -4.60
N ILE A 563 16.29 -8.01 -4.39
CA ILE A 563 16.23 -7.04 -5.49
C ILE A 563 17.06 -5.81 -5.14
N TRP A 564 17.48 -5.69 -3.90
CA TRP A 564 18.16 -4.47 -3.43
C TRP A 564 19.31 -4.87 -2.50
N LEU A 565 20.52 -4.91 -3.06
CA LEU A 565 21.73 -5.25 -2.31
C LEU A 565 22.66 -4.04 -2.34
N ASP A 566 22.82 -3.39 -1.19
CA ASP A 566 23.65 -2.19 -1.06
C ASP A 566 24.73 -2.46 -0.01
N LEU A 567 25.99 -2.54 -0.46
CA LEU A 567 27.11 -2.85 0.42
C LEU A 567 28.23 -1.82 0.32
N ASN A 568 27.92 -0.60 -0.11
CA ASN A 568 28.95 0.39 -0.38
C ASN A 568 29.64 0.82 0.93
N THR A 569 30.85 1.33 0.78
CA THR A 569 31.63 1.82 1.91
C THR A 569 31.78 0.74 2.97
N ASN A 570 32.71 -0.18 2.74
CA ASN A 570 32.95 -1.32 3.63
C ASN A 570 34.35 -1.85 3.32
N LEU A 571 34.68 -3.01 3.86
CA LEU A 571 35.98 -3.64 3.63
C LEU A 571 35.84 -5.06 3.08
N PHE A 572 34.74 -5.34 2.38
CA PHE A 572 34.65 -6.62 1.67
C PHE A 572 35.79 -6.72 0.66
N ASN A 573 36.30 -7.93 0.46
CA ASN A 573 37.43 -8.13 -0.44
C ASN A 573 37.20 -9.44 -1.20
N GLY A 574 38.28 -10.03 -1.69
CA GLY A 574 38.18 -11.16 -2.59
C GLY A 574 37.57 -10.70 -3.91
N THR A 575 37.39 -11.67 -4.80
CA THR A 575 36.73 -11.37 -6.07
C THR A 575 35.24 -11.25 -5.85
N ILE A 576 34.44 -11.51 -6.89
CA ILE A 576 33.00 -11.33 -6.84
C ILE A 576 32.34 -12.63 -7.27
N PRO A 577 31.45 -13.21 -6.45
CA PRO A 577 30.84 -14.49 -6.82
C PRO A 577 30.01 -14.41 -8.10
N ALA A 578 30.48 -15.09 -9.14
CA ALA A 578 29.68 -15.26 -10.35
C ALA A 578 28.37 -15.98 -10.04
N ALA A 579 28.27 -16.66 -8.90
CA ALA A 579 27.09 -17.43 -8.55
C ALA A 579 25.98 -16.57 -7.95
N MET A 580 26.26 -15.34 -7.55
CA MET A 580 25.27 -14.53 -6.84
C MET A 580 24.14 -14.04 -7.75
N PHE A 581 24.23 -14.29 -9.06
CA PHE A 581 23.24 -13.79 -10.02
C PHE A 581 22.39 -14.92 -10.58
N LYS A 582 22.36 -16.08 -9.92
CA LYS A 582 21.65 -17.23 -10.47
C LYS A 582 20.14 -16.99 -10.51
N GLN A 583 19.59 -16.35 -9.47
CA GLN A 583 18.14 -16.19 -9.39
C GLN A 583 17.58 -15.25 -10.45
N SER A 584 18.42 -14.63 -11.27
CA SER A 584 17.93 -13.72 -12.29
C SER A 584 16.87 -14.41 -13.15
N GLY A 585 15.72 -13.74 -13.32
CA GLY A 585 14.65 -14.24 -14.14
C GLY A 585 13.61 -15.08 -13.42
N LYS A 586 13.94 -15.60 -12.23
CA LYS A 586 13.02 -16.45 -11.48
C LYS A 586 12.71 -15.87 -10.10
N ILE A 587 12.77 -14.55 -9.97
CA ILE A 587 12.40 -13.88 -8.72
C ILE A 587 10.91 -13.51 -8.79
N ALA A 588 10.28 -13.46 -7.61
CA ALA A 588 8.91 -12.95 -7.48
C ALA A 588 8.85 -12.20 -6.15
N ALA A 589 8.96 -10.87 -6.24
CA ALA A 589 8.94 -10.00 -5.06
C ALA A 589 7.56 -9.37 -4.97
N ASN A 590 6.79 -9.79 -3.97
CA ASN A 590 5.44 -9.29 -3.75
C ASN A 590 5.21 -8.92 -2.29
N PHE A 591 5.80 -9.68 -1.36
CA PHE A 591 5.74 -9.31 0.06
C PHE A 591 6.09 -7.85 0.28
N ILE A 592 6.99 -7.31 -0.55
CA ILE A 592 7.58 -5.99 -0.28
C ILE A 592 6.67 -4.83 -0.67
N ALA A 593 5.64 -5.07 -1.48
CA ALA A 593 4.87 -3.98 -2.05
C ALA A 593 3.99 -3.30 -1.00
N GLY A 594 4.01 -1.98 -0.98
CA GLY A 594 3.10 -1.20 -0.18
C GLY A 594 3.66 -0.60 1.09
N LYS A 595 4.97 -0.37 1.16
CA LYS A 595 5.60 0.18 2.35
C LYS A 595 6.21 1.54 2.02
N ARG A 596 5.88 2.55 2.82
CA ARG A 596 6.44 3.87 2.58
C ARG A 596 7.95 3.83 2.75
N TYR A 597 8.63 4.69 1.98
CA TYR A 597 10.09 4.67 1.96
C TYR A 597 10.59 6.05 1.53
N VAL A 598 11.92 6.16 1.45
CA VAL A 598 12.59 7.37 0.98
C VAL A 598 13.90 6.93 0.34
N TYR A 599 14.19 7.46 -0.84
CA TYR A 599 15.46 7.25 -1.51
C TYR A 599 16.15 8.60 -1.66
N ILE A 600 17.41 8.66 -1.23
CA ILE A 600 18.18 9.90 -1.23
C ILE A 600 19.33 9.72 -2.21
N LYS A 601 19.24 10.41 -3.35
CA LYS A 601 20.22 10.24 -4.41
C LYS A 601 21.52 10.94 -4.05
N ASN A 602 22.63 10.23 -4.26
CA ASN A 602 23.96 10.77 -3.97
C ASN A 602 24.40 11.70 -5.09
N ASP A 603 24.68 12.95 -4.74
CA ASP A 603 25.24 13.88 -5.70
C ASP A 603 26.73 13.58 -5.93
N GLY A 604 27.21 13.94 -7.10
CA GLY A 604 28.62 13.76 -7.41
C GLY A 604 29.48 14.90 -6.90
N MET A 605 28.95 15.66 -5.93
CA MET A 605 29.66 16.83 -5.41
C MET A 605 30.55 16.43 -4.25
N LYS A 606 29.95 16.16 -3.09
CA LYS A 606 30.71 15.77 -1.91
C LYS A 606 31.41 14.43 -2.16
N LYS A 607 32.74 14.42 -2.10
CA LYS A 607 33.47 13.17 -2.20
C LYS A 607 33.25 12.30 -0.96
N GLU A 608 33.01 12.93 0.19
CA GLU A 608 32.71 12.16 1.40
C GLU A 608 31.47 11.32 1.21
N CYS A 609 30.43 11.89 0.60
CA CYS A 609 29.21 11.13 0.31
C CYS A 609 29.53 9.97 -0.62
N HIS A 610 29.06 8.78 -0.26
CA HIS A 610 29.38 7.56 -0.99
C HIS A 610 28.10 6.82 -1.38
N GLY A 611 28.20 6.04 -2.44
CA GLY A 611 27.13 5.16 -2.86
C GLY A 611 26.16 5.82 -3.82
N ALA A 612 25.46 4.98 -4.58
CA ALA A 612 24.41 5.46 -5.47
C ALA A 612 23.38 6.27 -4.70
N GLY A 613 22.71 5.64 -3.75
CA GLY A 613 21.74 6.33 -2.91
C GLY A 613 21.35 5.45 -1.76
N ASN A 614 20.72 6.06 -0.77
CA ASN A 614 20.32 5.38 0.45
C ASN A 614 18.81 5.19 0.44
N LEU A 615 18.37 3.94 0.26
CA LEU A 615 16.97 3.60 0.44
C LEU A 615 16.72 3.34 1.92
N LEU A 616 15.73 4.03 2.48
CA LEU A 616 15.47 3.99 3.91
C LEU A 616 13.97 3.99 4.16
N GLU A 617 13.51 2.99 4.92
CA GLU A 617 12.11 2.93 5.32
C GLU A 617 11.70 4.26 5.96
N PHE A 618 10.44 4.66 5.71
CA PHE A 618 10.00 5.98 6.13
C PHE A 618 8.52 6.02 6.52
N GLN A 619 7.99 4.91 7.04
CA GLN A 619 6.60 4.89 7.49
C GLN A 619 6.44 5.79 8.71
N GLY A 620 5.64 6.85 8.56
CA GLY A 620 5.27 7.68 9.69
C GLY A 620 6.32 8.67 10.16
N ILE A 621 7.32 8.96 9.33
CA ILE A 621 8.33 9.95 9.66
C ILE A 621 8.18 11.13 8.71
N ARG A 622 8.50 12.32 9.22
CA ARG A 622 8.43 13.54 8.42
C ARG A 622 9.71 13.69 7.60
N SER A 623 9.54 13.99 6.30
CA SER A 623 10.71 14.27 5.48
C SER A 623 11.45 15.51 5.95
N GLU A 624 10.74 16.42 6.63
CA GLU A 624 11.36 17.65 7.09
C GLU A 624 12.44 17.40 8.14
N GLN A 625 12.35 16.29 8.88
CA GLN A 625 13.34 15.96 9.89
C GLN A 625 14.53 15.18 9.33
N LEU A 626 14.54 14.89 8.02
CA LEU A 626 15.69 14.25 7.42
C LEU A 626 16.96 15.07 7.61
N ASN A 627 16.82 16.36 7.92
CA ASN A 627 17.99 17.17 8.24
C ASN A 627 18.80 16.59 9.38
N ARG A 628 18.15 15.82 10.27
CA ARG A 628 18.87 15.20 11.38
C ARG A 628 20.09 14.42 10.90
N LEU A 629 19.98 13.77 9.74
CA LEU A 629 21.05 12.92 9.24
C LEU A 629 22.34 13.68 8.98
N SER A 630 22.30 15.02 8.96
CA SER A 630 23.50 15.79 8.67
C SER A 630 24.63 15.46 9.64
N THR A 631 24.30 15.10 10.88
CA THR A 631 25.33 14.80 11.87
C THR A 631 25.96 13.44 11.66
N ARG A 632 25.30 12.55 10.92
CA ARG A 632 25.83 11.21 10.66
C ARG A 632 26.27 11.02 9.22
N ASN A 633 25.80 11.86 8.30
CA ASN A 633 25.99 11.65 6.88
C ASN A 633 26.60 12.89 6.25
N PRO A 634 27.65 12.76 5.43
CA PRO A 634 28.20 13.93 4.77
C PRO A 634 27.33 14.37 3.59
N CYS A 635 26.58 13.42 3.05
CA CYS A 635 25.72 13.67 1.91
C CYS A 635 24.85 14.90 2.16
N ASN A 636 24.83 15.81 1.18
CA ASN A 636 24.11 17.07 1.27
C ASN A 636 22.70 16.86 0.74
N ILE A 637 21.84 16.37 1.61
CA ILE A 637 20.48 15.96 1.26
C ILE A 637 19.62 17.20 1.06
N THR A 638 19.76 17.85 -0.09
CA THR A 638 19.05 19.09 -0.39
C THR A 638 18.25 18.88 -1.67
N SER A 639 16.92 18.71 -1.52
CA SER A 639 16.02 18.54 -2.65
C SER A 639 16.41 17.34 -3.50
N ARG A 640 16.93 16.29 -2.86
CA ARG A 640 17.30 15.06 -3.55
C ARG A 640 16.61 13.84 -2.95
N VAL A 641 15.46 14.03 -2.32
CA VAL A 641 14.77 12.97 -1.59
C VAL A 641 13.57 12.52 -2.41
N TYR A 642 13.62 11.26 -2.85
CA TYR A 642 12.48 10.60 -3.49
C TYR A 642 11.73 9.78 -2.46
N GLY A 643 10.47 9.50 -2.76
CA GLY A 643 9.64 8.77 -1.84
C GLY A 643 8.50 8.06 -2.52
N GLY A 644 7.48 7.75 -1.74
CA GLY A 644 6.34 6.98 -2.19
C GLY A 644 6.21 5.68 -1.40
N HIS A 645 5.33 4.82 -1.89
CA HIS A 645 5.15 3.49 -1.33
C HIS A 645 5.78 2.45 -2.25
N THR A 646 6.43 1.46 -1.65
CA THR A 646 7.09 0.41 -2.42
C THR A 646 6.17 -0.12 -3.51
N SER A 647 6.71 -0.21 -4.73
CA SER A 647 5.94 -0.69 -5.87
C SER A 647 6.90 -1.38 -6.83
N PRO A 648 7.15 -2.67 -6.63
CA PRO A 648 8.04 -3.39 -7.54
C PRO A 648 7.47 -3.43 -8.96
N THR A 649 8.37 -3.29 -9.94
CA THR A 649 7.94 -3.27 -11.33
C THR A 649 7.40 -4.61 -11.79
N PHE A 650 8.16 -5.68 -11.56
CA PHE A 650 7.75 -7.02 -11.98
C PHE A 650 6.90 -7.68 -10.90
N ASP A 651 6.14 -8.69 -11.32
CA ASP A 651 5.39 -9.55 -10.40
C ASP A 651 6.07 -10.91 -10.24
N ASN A 652 6.40 -11.58 -11.35
CA ASN A 652 7.15 -12.82 -11.31
C ASN A 652 8.27 -12.87 -12.34
N ASN A 653 8.41 -11.85 -13.20
CA ASN A 653 9.53 -11.83 -14.13
C ASN A 653 10.84 -11.98 -13.38
N GLY A 654 11.05 -11.15 -12.37
CA GLY A 654 12.07 -11.41 -11.37
C GLY A 654 13.50 -11.13 -11.78
N SER A 655 13.99 -9.94 -11.44
CA SER A 655 15.39 -9.62 -11.59
C SER A 655 15.77 -8.59 -10.55
N MET A 656 17.04 -8.55 -10.18
CA MET A 656 17.50 -7.62 -9.18
C MET A 656 17.49 -6.20 -9.73
N MET A 657 16.94 -5.27 -8.96
CA MET A 657 16.80 -3.89 -9.42
C MET A 657 17.96 -3.00 -8.99
N PHE A 658 18.55 -3.29 -7.85
CA PHE A 658 19.57 -2.46 -7.24
C PHE A 658 20.74 -3.34 -6.84
N LEU A 659 21.94 -2.77 -6.99
CA LEU A 659 23.16 -3.47 -6.65
C LEU A 659 24.39 -2.54 -6.52
N ASP A 660 24.65 -2.08 -5.31
CA ASP A 660 25.76 -1.18 -5.03
C ASP A 660 26.79 -1.90 -4.18
N MET A 661 28.06 -1.81 -4.58
CA MET A 661 29.15 -2.40 -3.80
C MET A 661 30.40 -1.54 -3.88
N SER A 662 30.22 -0.22 -3.95
CA SER A 662 31.34 0.69 -4.14
C SER A 662 32.14 0.85 -2.85
N TYR A 663 33.33 1.43 -3.00
CA TYR A 663 34.20 1.76 -1.87
C TYR A 663 34.47 0.54 -0.99
N ASN A 664 34.80 -0.57 -1.64
CA ASN A 664 35.28 -1.77 -0.97
C ASN A 664 36.64 -2.13 -1.56
N MET A 665 37.13 -3.32 -1.22
CA MET A 665 38.41 -3.83 -1.71
C MET A 665 38.23 -5.05 -2.61
N LEU A 666 37.09 -5.13 -3.29
CA LEU A 666 36.88 -6.19 -4.26
C LEU A 666 37.95 -6.15 -5.34
N SER A 667 38.23 -7.31 -5.92
CA SER A 667 39.22 -7.41 -6.98
C SER A 667 38.76 -8.48 -7.97
N GLY A 668 39.66 -8.90 -8.84
CA GLY A 668 39.32 -9.88 -9.84
C GLY A 668 38.63 -9.25 -11.04
N TYR A 669 37.94 -10.10 -11.80
CA TYR A 669 37.28 -9.71 -13.03
C TYR A 669 35.76 -9.74 -12.85
N ILE A 670 35.08 -8.86 -13.57
CA ILE A 670 33.62 -8.79 -13.53
C ILE A 670 33.07 -10.01 -14.26
N PRO A 671 32.38 -10.93 -13.58
CA PRO A 671 31.80 -12.07 -14.30
C PRO A 671 30.80 -11.61 -15.35
N LYS A 672 30.84 -12.28 -16.51
CA LYS A 672 29.87 -12.00 -17.56
C LYS A 672 28.43 -12.23 -17.10
N GLU A 673 28.23 -12.86 -15.94
CA GLU A 673 26.91 -13.07 -15.39
C GLU A 673 26.27 -11.77 -14.89
N ILE A 674 27.05 -10.67 -14.82
CA ILE A 674 26.51 -9.40 -14.34
C ILE A 674 25.41 -8.91 -15.26
N GLY A 675 25.55 -9.14 -16.56
CA GLY A 675 24.57 -8.68 -17.52
C GLY A 675 23.28 -9.46 -17.56
N SER A 676 23.05 -10.36 -16.60
CA SER A 676 21.88 -11.20 -16.61
C SER A 676 20.71 -10.59 -15.84
N MET A 677 20.83 -9.35 -15.38
CA MET A 677 19.82 -8.70 -14.55
C MET A 677 19.08 -7.64 -15.35
N PRO A 678 17.98 -7.99 -16.02
CA PRO A 678 17.29 -6.98 -16.86
C PRO A 678 16.73 -5.80 -16.08
N TYR A 679 15.90 -6.05 -15.07
CA TYR A 679 15.25 -4.97 -14.32
C TYR A 679 16.21 -4.14 -13.48
N LEU A 680 17.52 -4.41 -13.56
CA LEU A 680 18.52 -3.65 -12.85
C LEU A 680 18.51 -2.19 -13.28
N PHE A 681 18.11 -1.30 -12.37
CA PHE A 681 18.18 0.14 -12.64
C PHE A 681 19.58 0.68 -12.37
N ILE A 682 20.11 0.42 -11.18
CA ILE A 682 21.39 0.97 -10.75
C ILE A 682 22.44 -0.13 -10.71
N LEU A 683 23.70 0.26 -10.85
CA LEU A 683 24.82 -0.67 -10.74
C LEU A 683 26.07 0.16 -10.41
N ASN A 684 26.50 0.10 -9.14
CA ASN A 684 27.67 0.83 -8.67
C ASN A 684 28.72 -0.15 -8.20
N LEU A 685 29.88 -0.16 -8.88
CA LEU A 685 31.02 -0.98 -8.51
C LEU A 685 32.28 -0.14 -8.40
N GLY A 686 32.13 1.14 -8.07
CA GLY A 686 33.25 2.06 -8.12
C GLY A 686 34.11 2.02 -6.86
N HIS A 687 35.36 2.46 -7.03
CA HIS A 687 36.33 2.55 -5.93
C HIS A 687 36.61 1.16 -5.34
N ASN A 688 37.15 0.30 -6.19
CA ASN A 688 37.54 -1.05 -5.81
C ASN A 688 38.83 -1.38 -6.55
N ASP A 689 39.15 -2.66 -6.65
CA ASP A 689 40.31 -3.16 -7.39
C ASP A 689 39.87 -4.14 -8.48
N ILE A 690 38.75 -3.83 -9.12
CA ILE A 690 38.17 -4.74 -10.10
C ILE A 690 38.90 -4.58 -11.42
N SER A 691 39.40 -5.68 -11.96
CA SER A 691 40.21 -5.70 -13.17
C SER A 691 39.46 -6.41 -14.30
N GLY A 692 40.17 -6.70 -15.38
CA GLY A 692 39.58 -7.35 -16.53
C GLY A 692 38.87 -6.37 -17.44
N SER A 693 38.36 -6.91 -18.55
CA SER A 693 37.62 -6.12 -19.52
C SER A 693 36.14 -6.15 -19.19
N ILE A 694 35.49 -4.99 -19.30
CA ILE A 694 34.05 -4.88 -19.06
C ILE A 694 33.36 -5.97 -19.87
N PRO A 695 32.73 -6.97 -19.25
CA PRO A 695 32.01 -7.98 -20.02
C PRO A 695 31.05 -7.32 -21.01
N ASP A 696 30.91 -7.93 -22.18
CA ASP A 696 30.04 -7.39 -23.22
C ASP A 696 28.56 -7.65 -22.92
N GLU A 697 28.24 -8.23 -21.77
CA GLU A 697 26.86 -8.46 -21.38
C GLU A 697 26.22 -7.25 -20.70
N VAL A 698 27.04 -6.34 -20.17
CA VAL A 698 26.55 -5.10 -19.57
C VAL A 698 25.50 -4.48 -20.48
N GLY A 699 25.69 -4.58 -21.80
CA GLY A 699 24.75 -4.02 -22.75
C GLY A 699 23.38 -4.68 -22.71
N ASP A 700 23.29 -5.85 -22.08
CA ASP A 700 22.00 -6.52 -21.92
C ASP A 700 21.18 -5.97 -20.77
N LEU A 701 21.67 -4.94 -20.06
CA LEU A 701 20.96 -4.35 -18.92
C LEU A 701 20.14 -3.16 -19.41
N ARG A 702 19.08 -3.47 -20.16
CA ARG A 702 18.35 -2.41 -20.85
C ARG A 702 17.62 -1.48 -19.90
N GLY A 703 17.39 -1.89 -18.66
CA GLY A 703 16.79 -1.00 -17.68
C GLY A 703 17.76 -0.03 -17.02
N LEU A 704 19.06 -0.27 -17.18
CA LEU A 704 20.10 0.46 -16.46
C LEU A 704 20.00 1.97 -16.67
N ASN A 705 19.67 2.69 -15.60
CA ASN A 705 19.76 4.15 -15.62
C ASN A 705 21.10 4.67 -15.13
N ILE A 706 21.73 3.98 -14.19
CA ILE A 706 23.01 4.39 -13.62
C ILE A 706 23.99 3.22 -13.71
N LEU A 707 25.25 3.54 -13.99
CA LEU A 707 26.30 2.53 -14.11
C LEU A 707 27.61 3.18 -13.70
N ASP A 708 28.12 2.80 -12.52
CA ASP A 708 29.38 3.32 -12.00
C ASP A 708 30.41 2.20 -11.90
N LEU A 709 31.57 2.41 -12.52
CA LEU A 709 32.69 1.47 -12.47
C LEU A 709 34.02 2.20 -12.31
N SER A 710 33.98 3.40 -11.72
CA SER A 710 35.14 4.28 -11.67
C SER A 710 36.10 3.87 -10.56
N SER A 711 37.30 4.43 -10.62
CA SER A 711 38.35 4.17 -9.63
C SER A 711 38.54 2.66 -9.44
N ASN A 712 39.06 2.03 -10.49
CA ASN A 712 39.25 0.59 -10.53
C ASN A 712 40.45 0.28 -11.42
N LYS A 713 40.61 -1.00 -11.77
CA LYS A 713 41.71 -1.46 -12.61
C LYS A 713 41.19 -2.07 -13.91
N LEU A 714 40.01 -1.65 -14.35
CA LEU A 714 39.43 -2.19 -15.57
C LEU A 714 40.25 -1.77 -16.79
N ASP A 715 40.52 -2.72 -17.67
CA ASP A 715 41.30 -2.50 -18.87
C ASP A 715 40.55 -3.03 -20.09
N GLY A 716 41.05 -2.68 -21.27
CA GLY A 716 40.42 -3.10 -22.51
C GLY A 716 39.63 -1.97 -23.15
N ARG A 717 38.54 -2.32 -23.83
CA ARG A 717 37.71 -1.33 -24.51
C ARG A 717 36.31 -1.34 -23.91
N ILE A 718 35.59 -0.25 -24.14
CA ILE A 718 34.19 -0.14 -23.74
C ILE A 718 33.39 -0.94 -24.78
N PRO A 719 32.84 -2.10 -24.44
CA PRO A 719 32.14 -2.89 -25.45
C PRO A 719 31.10 -2.08 -26.20
N GLN A 720 31.19 -2.10 -27.53
CA GLN A 720 30.20 -1.42 -28.37
C GLN A 720 28.79 -1.90 -28.05
N ALA A 721 28.66 -3.08 -27.44
CA ALA A 721 27.35 -3.59 -27.08
C ALA A 721 26.62 -2.70 -26.09
N MET A 722 27.34 -1.86 -25.35
CA MET A 722 26.68 -0.96 -24.41
C MET A 722 25.92 0.16 -25.10
N SER A 723 26.16 0.40 -26.39
CA SER A 723 25.34 1.34 -27.15
C SER A 723 23.88 0.90 -27.19
N ALA A 724 23.60 -0.36 -26.85
CA ALA A 724 22.21 -0.81 -26.74
C ALA A 724 21.52 -0.23 -25.52
N LEU A 725 22.26 0.27 -24.55
CA LEU A 725 21.67 0.88 -23.36
C LEU A 725 21.12 2.24 -23.73
N THR A 726 19.79 2.35 -23.76
CA THR A 726 19.12 3.58 -24.18
C THR A 726 18.55 4.37 -23.00
N MET A 727 18.74 3.91 -21.77
CA MET A 727 18.18 4.56 -20.60
C MET A 727 19.22 5.08 -19.63
N LEU A 728 20.52 4.98 -19.96
CA LEU A 728 21.55 5.47 -19.07
C LEU A 728 21.41 6.97 -18.85
N THR A 729 21.22 7.35 -17.59
CA THR A 729 21.16 8.75 -17.20
C THR A 729 22.42 9.22 -16.49
N GLU A 730 23.11 8.33 -15.79
CA GLU A 730 24.38 8.61 -15.14
C GLU A 730 25.33 7.45 -15.45
N ILE A 731 26.56 7.78 -15.84
CA ILE A 731 27.55 6.76 -16.16
C ILE A 731 28.92 7.32 -15.80
N ASP A 732 29.76 6.47 -15.21
CA ASP A 732 31.11 6.86 -14.81
C ASP A 732 32.05 5.68 -14.99
N LEU A 733 33.04 5.85 -15.87
CA LEU A 733 34.04 4.81 -16.13
C LEU A 733 35.45 5.35 -15.96
N SER A 734 35.63 6.43 -15.21
CA SER A 734 36.90 7.12 -15.11
C SER A 734 37.81 6.44 -14.08
N ASN A 735 39.08 6.82 -14.10
CA ASN A 735 40.10 6.27 -13.23
C ASN A 735 40.15 4.74 -13.36
N ASN A 736 40.65 4.32 -14.52
CA ASN A 736 40.74 2.90 -14.85
C ASN A 736 41.88 2.73 -15.87
N ASN A 737 42.01 1.51 -16.38
CA ASN A 737 42.99 1.18 -17.41
C ASN A 737 42.34 1.00 -18.78
N LEU A 738 41.12 1.51 -18.96
CA LEU A 738 40.42 1.36 -20.23
C LEU A 738 41.22 1.97 -21.37
N SER A 739 41.05 1.41 -22.56
CA SER A 739 41.75 1.88 -23.75
C SER A 739 40.83 1.74 -24.95
N GLY A 740 41.06 2.59 -25.95
CA GLY A 740 40.38 2.46 -27.21
C GLY A 740 39.28 3.48 -27.43
N PRO A 741 38.38 3.19 -28.36
CA PRO A 741 37.33 4.14 -28.71
C PRO A 741 36.11 4.03 -27.81
N ILE A 742 35.39 5.14 -27.73
CA ILE A 742 34.10 5.20 -27.04
C ILE A 742 33.01 5.02 -28.09
N PRO A 743 32.03 4.12 -27.88
CA PRO A 743 31.01 3.88 -28.91
C PRO A 743 30.37 5.17 -29.43
N GLU A 744 30.49 5.40 -30.74
CA GLU A 744 29.81 6.55 -31.35
C GLU A 744 28.30 6.40 -31.29
N MET A 745 27.79 5.19 -31.07
CA MET A 745 26.36 4.95 -30.93
C MET A 745 25.97 4.95 -29.46
N GLY A 746 24.68 5.10 -29.21
CA GLY A 746 24.17 5.11 -27.86
C GLY A 746 24.25 6.48 -27.20
N GLN A 747 24.30 6.45 -25.86
CA GLN A 747 24.24 7.66 -25.06
C GLN A 747 25.62 8.15 -24.62
N PHE A 748 26.70 7.61 -25.18
CA PHE A 748 28.03 7.96 -24.71
C PHE A 748 28.40 9.40 -25.07
N GLU A 749 27.94 9.90 -26.22
CA GLU A 749 28.19 11.29 -26.56
C GLU A 749 27.43 12.25 -25.64
N THR A 750 26.36 11.79 -25.01
CA THR A 750 25.56 12.65 -24.15
C THR A 750 26.32 13.06 -22.89
N PHE A 751 27.24 12.22 -22.43
CA PHE A 751 27.87 12.45 -21.13
C PHE A 751 29.13 13.28 -21.27
N PRO A 752 29.57 13.94 -20.19
CA PRO A 752 30.72 14.84 -20.29
C PRO A 752 32.03 14.08 -20.21
N PRO A 753 33.16 14.76 -20.41
CA PRO A 753 34.45 14.05 -20.39
C PRO A 753 34.82 13.53 -19.02
N ALA A 754 34.47 14.27 -17.95
CA ALA A 754 34.85 13.86 -16.60
C ALA A 754 34.49 12.40 -16.34
N LYS A 755 33.41 11.92 -16.95
CA LYS A 755 32.99 10.53 -16.74
C LYS A 755 33.89 9.53 -17.45
N PHE A 756 34.93 9.98 -18.15
CA PHE A 756 35.82 9.09 -18.87
C PHE A 756 37.30 9.36 -18.58
N LEU A 757 37.62 10.36 -17.75
CA LEU A 757 39.00 10.81 -17.62
C LEU A 757 39.85 9.79 -16.87
N ASN A 758 41.16 9.98 -16.97
CA ASN A 758 42.15 9.10 -16.33
C ASN A 758 42.10 7.69 -16.91
N ASN A 759 41.85 7.60 -18.21
CA ASN A 759 41.96 6.36 -18.98
C ASN A 759 42.76 6.67 -20.24
N PRO A 760 44.09 6.87 -20.10
CA PRO A 760 44.90 7.37 -21.23
C PRO A 760 44.60 6.71 -22.56
N GLY A 761 44.38 5.40 -22.56
CA GLY A 761 44.11 4.69 -23.80
C GLY A 761 42.82 5.08 -24.49
N LEU A 762 41.97 5.88 -23.86
CA LEU A 762 40.67 6.19 -24.42
C LEU A 762 40.74 7.38 -25.36
N CYS A 763 39.76 7.44 -26.25
CA CYS A 763 39.60 8.51 -27.22
C CYS A 763 38.21 8.42 -27.81
N GLY A 764 37.78 9.49 -28.46
CA GLY A 764 36.46 9.56 -29.05
C GLY A 764 35.57 10.47 -28.22
N TYR A 765 34.73 11.24 -28.90
CA TYR A 765 33.87 12.20 -28.22
C TYR A 765 33.08 11.47 -27.12
N PRO A 766 32.92 12.08 -25.94
CA PRO A 766 33.37 13.41 -25.50
C PRO A 766 34.89 13.58 -25.40
N LEU A 767 35.66 12.51 -25.41
CA LEU A 767 37.12 12.62 -25.40
C LEU A 767 37.61 13.04 -26.79
N PRO A 768 38.88 13.40 -26.90
CA PRO A 768 39.43 13.74 -28.22
C PRO A 768 39.34 12.57 -29.19
N ARG A 769 39.30 12.90 -30.47
CA ARG A 769 39.26 11.86 -31.50
C ARG A 769 40.50 10.98 -31.40
N CYS A 770 40.38 9.75 -31.91
CA CYS A 770 41.47 8.78 -31.85
C CYS A 770 42.49 9.12 -32.93
N ASP A 771 43.59 9.74 -32.53
CA ASP A 771 44.65 10.13 -33.47
C ASP A 771 45.23 8.92 -34.18
C1 NAG B . 4.91 -8.87 32.50
C2 NAG B . 5.61 -10.19 32.13
C3 NAG B . 5.75 -11.02 33.41
C4 NAG B . 6.45 -10.23 34.50
C5 NAG B . 5.81 -8.84 34.66
C6 NAG B . 6.55 -7.94 35.63
C7 NAG B . 5.23 -11.06 29.82
C8 NAG B . 6.55 -10.47 29.37
N2 NAG B . 4.88 -10.88 31.12
O3 NAG B . 6.45 -12.19 33.06
O4 NAG B . 6.35 -10.98 35.70
O5 NAG B . 5.73 -8.17 33.41
O6 NAG B . 7.82 -7.63 35.11
O7 NAG B . 4.53 -11.68 29.03
H2 NAG B . 6.50 -9.99 31.77
H3 NAG B . 4.85 -11.22 33.74
H4 NAG B . 7.38 -10.12 34.23
H5 NAG B . 4.91 -8.97 35.00
H61 NAG B . 6.61 -8.39 36.48
H62 NAG B . 6.01 -7.15 35.77
H81 NAG B . 6.62 -10.54 28.41
H82 NAG B . 7.28 -10.96 29.79
H83 NAG B . 6.59 -9.53 29.64
HN2 NAG B . 4.13 -11.22 31.36
HO3 NAG B . 6.43 -12.71 33.74
HO6 NAG B . 7.71 -7.12 34.44
C1 NAG B . 7.54 -11.76 35.91
C2 NAG B . 7.34 -12.59 37.20
C3 NAG B . 8.52 -13.54 37.41
C4 NAG B . 8.80 -14.34 36.14
C5 NAG B . 8.96 -13.39 34.95
C6 NAG B . 9.24 -14.09 33.65
C7 NAG B . 7.16 -12.12 39.63
C8 NAG B . 6.97 -11.02 40.65
N2 NAG B . 7.17 -11.72 38.34
O3 NAG B . 8.24 -14.39 38.49
O4 NAG B . 9.98 -15.08 36.37
O5 NAG B . 7.78 -12.63 34.83
O6 NAG B . 10.43 -14.84 33.76
O7 NAG B . 7.30 -13.28 39.98
H2 NAG B . 6.53 -13.12 37.10
H3 NAG B . 9.30 -12.99 37.59
H4 NAG B . 8.05 -14.92 35.98
H5 NAG B . 9.70 -12.80 35.12
H61 NAG B . 9.29 -13.43 32.94
H62 NAG B . 8.48 -14.66 33.44
H81 NAG B . 6.15 -11.18 41.13
H82 NAG B . 6.91 -10.17 40.19
H83 NAG B . 7.72 -11.02 41.25
HN2 NAG B . 7.06 -10.88 38.18
HO3 NAG B . 7.57 -14.86 38.28
HO4 NAG B . 9.96 -15.78 35.89
HO6 NAG B . 10.59 -15.20 33.02
C1 NAG C . 17.27 -21.47 16.64
C2 NAG C . 16.21 -22.57 16.73
C3 NAG C . 16.94 -23.87 17.04
C4 NAG C . 17.90 -24.12 15.88
C5 NAG C . 18.85 -22.93 15.68
C6 NAG C . 19.74 -23.07 14.47
C7 NAG C . 14.98 -21.18 18.43
C8 NAG C . 13.71 -21.17 19.24
N2 NAG C . 15.12 -22.27 17.64
O3 NAG C . 15.98 -24.88 17.21
O4 NAG C . 18.63 -25.30 16.14
O5 NAG C . 18.11 -21.73 15.55
O6 NAG C . 20.35 -21.84 14.16
O7 NAG C . 15.79 -20.27 18.51
H2 NAG C . 15.75 -22.64 15.89
H3 NAG C . 17.46 -23.81 17.86
H4 NAG C . 17.33 -24.21 15.10
H5 NAG C . 19.42 -22.87 16.46
H61 NAG C . 19.20 -23.39 13.73
H62 NAG C . 20.40 -23.76 14.64
H81 NAG C . 13.51 -20.25 19.50
H82 NAG C . 13.82 -21.72 20.03
H83 NAG C . 12.99 -21.52 18.70
HN2 NAG C . 14.50 -22.87 17.68
HO3 NAG C . 16.33 -25.51 17.66
HO6 NAG C . 19.75 -21.29 13.92
C1 NAG C . 17.79 -26.41 15.80
C2 NAG C . 18.27 -27.05 14.51
C3 NAG C . 17.44 -28.30 14.21
C4 NAG C . 17.38 -29.21 15.44
C5 NAG C . 16.91 -28.40 16.65
C6 NAG C . 16.78 -29.17 17.94
C7 NAG C . 17.16 -25.65 12.76
C8 NAG C . 17.45 -24.65 11.68
N2 NAG C . 18.26 -26.10 13.42
O3 NAG C . 18.00 -28.95 13.10
O4 NAG C . 16.50 -30.26 15.14
O5 NAG C . 17.82 -27.35 16.85
O6 NAG C . 16.38 -28.28 18.97
O7 NAG C . 16.02 -25.98 13.03
H2 NAG C . 19.20 -27.33 14.61
H3 NAG C . 16.53 -28.01 14.03
H4 NAG C . 18.28 -29.54 15.61
H5 NAG C . 16.02 -28.07 16.45
H61 NAG C . 17.64 -29.58 18.14
H62 NAG C . 16.15 -29.89 17.81
H81 NAG C . 17.19 -25.03 10.81
H82 NAG C . 18.40 -24.44 11.67
H83 NAG C . 16.95 -23.83 11.83
HN2 NAG C . 19.02 -25.81 13.16
HO3 NAG C . 17.53 -29.64 12.94
HO4 NAG C . 16.68 -30.92 15.64
HO6 NAG C . 16.89 -27.60 18.95
C1 NAG D . 40.58 -10.61 2.52
C2 NAG D . 41.90 -11.23 2.01
C3 NAG D . 42.25 -12.43 2.89
C4 NAG D . 42.36 -11.97 4.34
C5 NAG D . 41.07 -11.26 4.76
C6 NAG D . 41.12 -10.70 6.17
C7 NAG D . 41.15 -12.60 0.07
C8 NAG D . 41.25 -12.69 -1.42
N2 NAG D . 41.83 -11.55 0.61
O3 NAG D . 43.45 -12.99 2.42
O4 NAG D . 42.60 -13.12 5.12
O5 NAG D . 40.77 -10.21 3.85
O6 NAG D . 42.27 -9.90 6.33
O7 NAG D . 40.50 -13.39 0.74
H2 NAG D . 42.60 -10.57 2.09
H3 NAG D . 41.53 -13.08 2.82
H4 NAG D . 43.10 -11.33 4.39
H5 NAG D . 40.35 -11.91 4.74
H61 NAG D . 41.10 -11.45 6.79
H62 NAG D . 40.31 -10.20 6.32
H81 NAG D . 40.40 -13.01 -1.78
H82 NAG D . 41.95 -13.33 -1.65
H83 NAG D . 41.47 -11.83 -1.79
HN2 NAG D . 42.25 -11.04 0.07
HO3 NAG D . 43.33 -13.22 1.61
C1 FUC D . 41.98 -8.81 7.24
C2 FUC D . 43.26 -8.01 7.48
C3 FUC D . 43.74 -7.36 6.18
C4 FUC D . 42.63 -6.52 5.56
C5 FUC D . 41.36 -7.37 5.43
C6 FUC D . 40.16 -6.59 4.94
O2 FUC D . 44.22 -8.87 8.04
O3 FUC D . 44.91 -6.62 6.47
O4 FUC D . 42.45 -5.37 6.35
O5 FUC D . 41.01 -7.95 6.68
H2 FUC D . 43.02 -7.30 8.09
H3 FUC D . 43.94 -8.08 5.55
H4 FUC D . 42.90 -6.27 4.66
H5 FUC D . 41.56 -8.07 4.79
H61 FUC D . 39.40 -7.19 4.82
H62 FUC D . 40.36 -6.17 4.09
H63 FUC D . 39.92 -5.90 5.59
HO2 FUC D . 44.90 -8.40 8.24
HO3 FUC D . 44.67 -5.88 6.81
HO4 FUC D . 42.00 -4.80 5.91
C1 NAG E . -21.12 -5.36 -4.93
C2 NAG E . -21.50 -5.56 -3.47
C3 NAG E . -20.25 -5.29 -2.65
C4 NAG E . -19.09 -6.16 -3.15
C5 NAG E . -19.04 -6.31 -4.67
C6 NAG E . -18.18 -7.47 -5.12
C7 NAG E . -23.74 -5.12 -2.55
C8 NAG E . -23.85 -6.60 -2.33
N2 NAG E . -22.59 -4.70 -3.10
O3 NAG E . -20.54 -5.53 -1.31
O4 NAG E . -17.91 -5.53 -2.71
O5 NAG E . -20.32 -6.46 -5.25
O6 NAG E . -18.58 -8.62 -4.39
O7 NAG E . -24.65 -4.36 -2.24
C1 NAG E . -17.24 -6.36 -1.77
C2 NAG E . -15.76 -6.02 -1.81
C3 NAG E . -15.00 -6.81 -0.75
C4 NAG E . -15.67 -6.76 0.61
C5 NAG E . -17.18 -7.03 0.48
C6 NAG E . -17.98 -6.84 1.75
C7 NAG E . -14.97 -5.39 -4.06
C8 NAG E . -14.44 -5.93 -5.37
N2 NAG E . -15.24 -6.31 -3.12
O3 NAG E . -13.68 -6.32 -0.70
O4 NAG E . -15.04 -7.76 1.38
O5 NAG E . -17.72 -6.14 -0.48
O6 NAG E . -18.06 -5.47 2.06
O7 NAG E . -15.13 -4.19 -3.88
C1 BMA E . -15.17 -7.48 2.80
C2 BMA E . -14.48 -8.63 3.52
C3 BMA E . -14.56 -8.40 5.05
C4 BMA E . -14.39 -6.94 5.53
C5 BMA E . -14.40 -5.83 4.47
C6 BMA E . -13.21 -4.88 4.55
O2 BMA E . -13.17 -8.75 3.04
O3 BMA E . -13.66 -9.31 5.67
O4 BMA E . -15.45 -6.74 6.44
O5 BMA E . -14.57 -6.24 3.12
O6 BMA E . -12.09 -5.51 3.97
C1 MAN E . -14.19 -9.63 6.98
C2 MAN E . -13.60 -10.98 7.42
C3 MAN E . -14.21 -12.13 6.61
C4 MAN E . -15.72 -12.11 6.71
C5 MAN E . -16.22 -10.74 6.24
C6 MAN E . -17.72 -10.59 6.44
O2 MAN E . -13.87 -11.10 8.80
O3 MAN E . -13.67 -13.33 7.11
O4 MAN E . -16.21 -13.15 5.91
O5 MAN E . -15.60 -9.70 6.97
O6 MAN E . -18.39 -11.19 5.35
C1 NAG F . -14.21 16.05 -14.09
C2 NAG F . -13.58 15.67 -15.43
C3 NAG F . -12.73 16.83 -15.94
C4 NAG F . -13.54 18.13 -15.96
C5 NAG F . -14.12 18.36 -14.56
C6 NAG F . -14.96 19.61 -14.41
C7 NAG F . -11.76 14.30 -14.49
C8 NAG F . -11.12 12.93 -14.55
N2 NAG F . -12.81 14.46 -15.32
O3 NAG F . -12.25 16.50 -17.22
O4 NAG F . -12.68 19.17 -16.35
O5 NAG F . -14.94 17.25 -14.23
O6 NAG F . -15.72 19.52 -13.23
O7 NAG F . -11.34 15.16 -13.75
H2 NAG F . -14.29 15.50 -16.07
H3 NAG F . -12.00 16.96 -15.31
H4 NAG F . -14.26 18.03 -16.60
H5 NAG F . -13.38 18.45 -13.95
H61 NAG F . -15.52 19.70 -15.20
H62 NAG F . -14.37 20.38 -14.40
H81 NAG F . -10.16 13.02 -14.44
H82 NAG F . -11.31 12.52 -15.40
H83 NAG F . -11.48 12.38 -13.83
HN2 NAG F . -13.04 13.80 -15.81
HO3 NAG F . -12.91 16.35 -17.71
HO6 NAG F . -16.13 18.78 -13.23
C1 NAG F . -13.12 19.73 -17.61
C2 NAG F . -12.10 20.81 -18.02
C3 NAG F . -12.39 21.33 -19.43
C4 NAG F . -12.50 20.16 -20.40
C5 NAG F . -13.60 19.22 -19.86
C6 NAG F . -13.91 18.06 -20.78
C7 NAG F . -11.44 22.09 -15.95
C8 NAG F . -10.48 20.99 -15.56
N2 NAG F . -12.15 21.92 -17.09
O3 NAG F . -11.35 22.20 -19.78
O4 NAG F . -12.85 20.67 -21.67
O5 NAG F . -13.18 18.73 -18.61
O6 NAG F . -14.93 17.27 -20.21
O7 NAG F . -11.57 23.07 -15.24
H2 NAG F . -11.23 20.41 -17.99
H3 NAG F . -13.24 21.78 -19.42
H4 NAG F . -11.65 19.71 -20.44
H5 NAG F . -14.43 19.72 -19.79
H61 NAG F . -13.10 17.55 -20.93
H62 NAG F . -14.17 18.41 -21.65
H81 NAG F . -9.84 21.34 -14.92
H82 NAG F . -10.01 20.68 -16.35
H83 NAG F . -10.98 20.25 -15.17
HN2 NAG F . -12.71 22.55 -17.29
HO3 NAG F . -11.55 22.57 -20.52
HO6 NAG F . -14.71 17.08 -19.42
C1 BMA F . -11.68 20.78 -22.52
C2 BMA F . -12.20 20.65 -23.93
C3 BMA F . -11.25 21.20 -25.01
C4 BMA F . -10.31 22.36 -24.61
C5 BMA F . -10.14 22.65 -23.13
C6 BMA F . -10.13 24.15 -22.81
O2 BMA F . -13.46 21.28 -23.98
O3 BMA F . -12.07 21.53 -26.11
O4 BMA F . -9.04 21.99 -25.15
O5 BMA F . -11.04 22.02 -22.24
O6 BMA F . -9.54 24.31 -21.53
H2 BMA F . -12.25 19.69 -24.09
H3 BMA F . -10.63 20.47 -25.18
H4 BMA F . -10.69 23.15 -25.01
H5 BMA F . -9.26 22.29 -22.91
H61 BMA F . -11.04 24.51 -22.82
H62 BMA F . -9.63 24.64 -23.48
HO2 BMA F . -14.04 20.72 -23.72
HO3 BMA F . -12.54 22.21 -25.90
HO4 BMA F . -8.58 22.70 -25.25
HO6 BMA F . -9.18 25.08 -21.50
C1 NAG G . -14.29 7.04 3.92
C2 NAG G . -14.11 5.51 4.01
C3 NAG G . -12.65 5.14 3.80
C4 NAG G . -12.16 5.71 2.47
C5 NAG G . -12.42 7.23 2.48
C6 NAG G . -12.00 7.91 1.19
C7 NAG G . -15.88 4.63 5.48
C8 NAG G . -16.20 4.12 6.86
N2 NAG G . -14.61 5.01 5.26
O3 NAG G . -12.55 3.74 3.83
O4 NAG G . -10.79 5.41 2.35
O5 NAG G . -13.80 7.47 2.68
O6 NAG G . -12.92 7.60 0.17
O7 NAG G . -16.76 4.68 4.62
H2 NAG G . -14.65 5.11 3.30
H3 NAG G . -12.12 5.54 4.51
H4 NAG G . -12.66 5.30 1.75
H5 NAG G . -11.90 7.61 3.19
H61 NAG G . -11.10 7.63 0.97
H62 NAG G . -11.95 8.87 1.36
H81 NAG G . -16.83 4.72 7.29
H82 NAG G . -15.37 4.09 7.38
H83 NAG G . -16.58 3.24 6.80
HN2 NAG G . -14.05 4.94 5.92
HO3 NAG G . -11.71 3.54 3.80
HO6 NAG G . -13.67 7.92 0.39
C1 NAG G . -10.54 4.75 1.08
C2 NAG G . -9.06 4.89 0.73
C3 NAG G . -8.80 4.24 -0.62
C4 NAG G . -9.29 2.80 -0.62
C5 NAG G . -10.74 2.73 -0.11
C6 NAG G . -11.26 1.31 0.02
C7 NAG G . -7.81 6.80 1.63
C8 NAG G . -7.50 8.26 1.43
N2 NAG G . -8.65 6.26 0.72
O3 NAG G . -7.43 4.32 -0.87
O4 NAG G . -9.19 2.33 -1.95
O5 NAG G . -10.85 3.38 1.14
O6 NAG G . -12.53 1.32 0.62
O7 NAG G . -7.29 6.18 2.55
H2 NAG G . -8.54 4.44 1.42
H3 NAG G . -9.31 4.72 -1.29
H4 NAG G . -8.73 2.30 -0.02
H5 NAG G . -11.31 3.18 -0.75
H61 NAG G . -10.62 0.80 0.54
H62 NAG G . -11.28 0.91 -0.86
H81 NAG G . -7.85 8.77 2.18
H82 NAG G . -7.91 8.57 0.61
H83 NAG G . -6.54 8.38 1.37
HN2 NAG G . -8.96 6.77 0.11
HO3 NAG G . -7.28 3.96 -1.64
HO6 NAG G . -12.46 1.71 1.37
C1 NAG H . 1.22 24.99 14.64
C2 NAG H . 2.21 25.74 13.73
C3 NAG H . 3.32 26.26 14.67
C4 NAG H . 2.76 26.95 15.92
C5 NAG H . 1.63 26.14 16.56
C6 NAG H . 0.87 26.75 17.71
C7 NAG H . 2.82 25.19 11.39
C8 NAG H . 3.50 24.15 10.53
N2 NAG H . 2.79 24.91 12.70
O3 NAG H . 4.13 27.13 13.92
O4 NAG H . 3.83 27.11 16.84
O5 NAG H . 0.70 25.92 15.54
O6 NAG H . -0.30 26.00 17.91
O7 NAG H . 2.34 26.21 10.90
C1 NAG H . 3.47 28.24 17.66
C2 NAG H . 4.51 28.43 18.78
C3 NAG H . 4.25 29.73 19.52
C4 NAG H . 4.11 30.89 18.54
C5 NAG H . 3.02 30.55 17.53
C6 NAG H . 2.76 31.63 16.51
C7 NAG H . 5.52 26.81 20.35
C8 NAG H . 5.23 25.66 21.29
N2 NAG H . 4.46 27.32 19.72
O3 NAG H . 5.31 29.93 20.43
O4 NAG H . 3.79 32.04 19.28
O5 NAG H . 3.44 29.39 16.84
O6 NAG H . 2.36 32.81 17.16
O7 NAG H . 6.67 27.22 20.20
C1 NAG I . 31.15 7.16 8.11
C2 NAG I . 30.55 8.33 7.33
C3 NAG I . 30.98 9.59 8.07
C4 NAG I . 30.47 9.54 9.51
C5 NAG I . 30.72 8.18 10.18
C6 NAG I . 29.86 8.00 11.42
C7 NAG I . 30.07 8.17 4.92
C8 NAG I . 30.69 8.16 3.55
N2 NAG I . 30.93 8.30 5.95
O3 NAG I . 30.48 10.69 7.38
O4 NAG I . 31.18 10.53 10.20
O5 NAG I . 30.43 7.09 9.32
O6 NAG I . 28.51 8.08 11.06
O7 NAG I . 28.86 8.06 5.08
C1 NAG I . 30.33 11.64 10.53
C2 NAG I . 31.08 12.46 11.59
C3 NAG I . 30.35 13.76 11.91
C4 NAG I . 29.97 14.49 10.62
C5 NAG I . 29.23 13.54 9.69
C6 NAG I . 28.78 14.16 8.39
C7 NAG I . 32.18 10.70 12.92
C8 NAG I . 32.16 9.99 14.24
N2 NAG I . 31.25 11.65 12.77
O3 NAG I . 31.20 14.54 12.71
O4 NAG I . 29.15 15.58 11.00
O5 NAG I . 30.06 12.44 9.40
O6 NAG I . 29.89 14.75 7.75
O7 NAG I . 33.00 10.42 12.06
C1 BMA I . 29.94 16.75 11.27
C2 BMA I . 29.01 17.94 11.05
C3 BMA I . 29.65 19.27 11.50
C4 BMA I . 30.60 19.20 12.71
C5 BMA I . 30.80 17.83 13.37
C6 BMA I . 30.17 17.69 14.75
O2 BMA I . 27.80 17.67 11.71
O3 BMA I . 28.55 20.14 11.70
O4 BMA I . 31.83 19.71 12.23
O5 BMA I . 30.45 16.69 12.59
O6 BMA I . 30.87 16.66 15.42
C01 A1JMF J . 12.25 1.55 -7.96
C02 A1JMF J . 12.34 2.63 -6.91
C03 A1JMF J . 12.80 3.91 -7.66
C04 A1JMF J . 12.61 5.14 -6.83
C05 A1JMF J . 13.62 6.17 -7.16
C06 A1JMF J . 14.86 5.39 -7.41
C07 A1JMF J . 14.31 4.09 -8.09
C08 A1JMF J . 14.07 4.22 -9.64
C09 A1JMF J . 15.26 4.78 -10.29
C10 A1JMF J . 15.49 6.22 -9.84
C11 A1JMF J . 15.78 6.33 -8.24
C12 A1JMF J . 15.76 7.87 -7.77
C13 A1JMF J . 16.80 8.57 -8.55
C15 A1JMF J . 16.73 8.38 -10.09
C16 A1JMF J . 16.63 6.91 -10.60
C17 A1JMF J . 16.37 6.85 -12.15
C18 A1JMF J . 17.37 7.67 -12.98
C19 A1JMF J . 17.50 9.12 -12.46
C20 A1JMF J . 17.78 9.14 -10.92
C22 A1JMF J . 17.92 6.11 -10.29
C23 A1JMF J . 15.14 3.06 -7.47
C24 A1JMF J . 10.95 2.72 -6.21
C25 A1JMF J . 10.41 1.31 -5.71
C26 A1JMF J . 11.47 0.50 -4.87
C27 A1JMF J . 12.01 1.40 -3.75
C28 A1JMF J . 10.91 -0.84 -4.31
C29 A1JMF J . 10.04 -1.62 -5.33
C30 A1JMF J . 12.01 -1.77 -3.73
O14 A1JMF J . 17.61 9.26 -7.96
O21 A1JMF J . 16.29 9.79 -12.74
O31 A1JMF J . 9.28 1.60 -4.93
O32 A1JMF J . 10.09 3.40 -7.07
H012 A1JMF J . 12.77 1.81 -8.74
H013 A1JMF J . 11.33 1.42 -8.24
H011 A1JMF J . 12.59 0.71 -7.63
H021 A1JMF J . 12.97 2.38 -6.21
H031 A1JMF J . 12.36 4.16 -8.48
H041 A1JMF J . 12.82 4.74 -5.97
H042 A1JMF J . 11.74 5.39 -7.19
H051 A1JMF J . 14.00 6.69 -6.43
H052 A1JMF J . 13.59 6.56 -8.05
H061 A1JMF J . 14.99 5.36 -6.45
H082 A1JMF J . 13.89 3.39 -10.10
H081 A1JMF J . 13.34 4.79 -9.91
H091 A1JMF J . 14.97 4.62 -11.21
H092 A1JMF J . 15.88 4.09 -9.99
H101 A1JMF J . 14.64 6.64 -10.05
H111 A1JMF J . 16.42 5.76 -7.78
H122 A1JMF J . 15.91 8.09 -6.84
H121 A1JMF J . 14.95 8.39 -7.86
H151 A1JMF J . 15.90 8.86 -10.26
H172 A1JMF J . 16.38 5.93 -12.48
H171 A1JMF J . 15.47 7.11 -12.39
H182 A1JMF J . 17.12 7.66 -13.92
H181 A1JMF J . 18.23 7.24 -13.02
H191 A1JMF J . 18.20 9.59 -12.94
H201 A1JMF J . 17.85 10.06 -10.62
H202 A1JMF J . 18.66 8.80 -10.75
H223 A1JMF J . 18.64 6.62 -9.87
H221 A1JMF J . 18.35 5.71 -11.06
H222 A1JMF J . 17.80 5.36 -9.68
H233 A1JMF J . 16.02 3.36 -7.76
H231 A1JMF J . 14.79 2.26 -7.91
H232 A1JMF J . 14.92 3.18 -6.54
H241 A1JMF J . 11.08 3.30 -5.44
H251 A1JMF J . 10.15 0.79 -6.49
H261 A1JMF J . 12.21 0.31 -5.47
H272 A1JMF J . 11.37 2.07 -3.46
H273 A1JMF J . 12.80 1.89 -4.01
H271 A1JMF J . 12.25 0.91 -2.95
H281 A1JMF J . 10.31 -0.61 -3.57
H293 A1JMF J . 10.25 -1.43 -6.25
H292 A1JMF J . 9.08 -1.43 -5.26
H291 A1JMF J . 10.10 -2.58 -5.26
H303 A1JMF J . 12.44 -2.33 -4.39
H302 A1JMF J . 11.70 -2.39 -3.05
H301 A1JMF J . 12.74 -1.30 -3.30
H211 A1JMF J . 16.10 10.30 -12.09
H311 A1JMF J . 9.45 1.44 -4.11
H321 A1JMF J . 9.28 3.18 -6.93
S SO4 K . -42.60 -29.03 -19.53
O1 SO4 K . -44.10 -29.05 -19.54
O2 SO4 K . -42.09 -28.41 -20.80
O3 SO4 K . -42.11 -28.23 -18.36
O4 SO4 K . -42.08 -30.44 -19.44
S SO4 L . 1.62 5.03 5.48
O1 SO4 L . 0.19 4.72 5.84
O2 SO4 L . 1.65 5.72 4.15
O3 SO4 L . 2.21 5.92 6.53
O4 SO4 L . 2.40 3.76 5.39
C1 EDO M . -17.61 24.44 4.38
O1 EDO M . -18.20 23.26 4.88
C2 EDO M . -16.69 24.13 3.23
O2 EDO M . -17.41 23.95 2.03
H11 EDO M . -17.11 24.89 5.07
H12 EDO M . -18.28 25.07 4.07
HO1 EDO M . -18.73 23.48 5.51
H21 EDO M . -16.17 23.35 3.48
H22 EDO M . -16.06 24.86 3.16
HO2 EDO M . -17.75 24.69 1.81
C1 NAG N . -15.00 -12.73 -24.30
C2 NAG N . -14.77 -12.13 -25.69
C3 NAG N . -14.55 -13.28 -26.67
C4 NAG N . -13.36 -14.11 -26.19
C5 NAG N . -13.54 -14.55 -24.74
C6 NAG N . -12.30 -15.23 -24.17
C7 NAG N . -17.15 -11.62 -26.14
C8 NAG N . -18.07 -10.52 -26.59
N2 NAG N . -15.85 -11.28 -26.08
O3 NAG N . -14.36 -12.73 -27.95
O4 NAG N . -13.27 -15.25 -27.03
O5 NAG N . -13.83 -13.44 -23.92
O6 NAG N . -12.46 -15.44 -22.79
O7 NAG N . -17.57 -12.73 -25.86
H2 NAG N . -13.98 -11.56 -25.67
H3 NAG N . -15.33 -13.85 -26.67
H4 NAG N . -12.59 -13.54 -26.27
H5 NAG N . -14.28 -15.17 -24.71
H61 NAG N . -11.54 -14.68 -24.37
H62 NAG N . -12.18 -16.07 -24.64
H81 NAG N . -18.62 -10.83 -27.33
H82 NAG N . -17.54 -9.75 -26.86
H83 NAG N . -18.65 -10.26 -25.84
HN2 NAG N . -15.65 -10.47 -26.30
HO3 NAG N . -14.26 -13.38 -28.50
HO6 NAG N . -12.67 -14.70 -22.43
C1 CIT O . -24.23 -33.12 -20.76
O1 CIT O . -24.30 -31.91 -20.45
O2 CIT O . -24.20 -33.57 -21.93
C2 CIT O . -24.13 -34.12 -19.61
C3 CIT O . -22.71 -34.67 -19.40
O7 CIT O . -22.49 -35.61 -20.44
C4 CIT O . -21.64 -33.57 -19.48
C5 CIT O . -20.19 -34.02 -19.27
O3 CIT O . -19.89 -34.64 -18.24
O4 CIT O . -19.39 -33.73 -20.21
C6 CIT O . -22.73 -35.33 -17.99
O5 CIT O . -22.54 -34.55 -17.03
O6 CIT O . -22.94 -36.57 -17.92
H21 CIT O . -24.74 -34.86 -19.77
H22 CIT O . -24.42 -33.70 -18.78
HO7 CIT O . -21.78 -36.00 -20.18
H41 CIT O . -21.85 -32.89 -18.80
H42 CIT O . -21.71 -33.13 -20.33
C1 NAG P . 24.49 21.81 -0.42
C2 NAG P . 25.18 22.16 -1.75
C3 NAG P . 24.84 23.57 -2.21
C4 NAG P . 23.34 23.77 -2.18
C5 NAG P . 22.81 23.42 -0.79
C6 NAG P . 21.32 23.67 -0.65
C7 NAG P . 27.27 20.85 -2.02
C8 NAG P . 28.76 20.88 -1.81
N2 NAG P . 26.60 21.98 -1.65
O3 NAG P . 25.38 23.74 -3.49
O4 NAG P . 23.08 25.12 -2.51
O5 NAG P . 23.10 22.06 -0.51
O6 NAG P . 21.06 25.04 -0.80
O7 NAG P . 26.70 19.88 -2.49
H2 NAG P . 24.83 21.54 -2.43
H3 NAG P . 25.23 24.20 -1.58
H4 NAG P . 22.93 23.18 -2.84
H5 NAG P . 23.25 23.97 -0.13
H61 NAG P . 21.05 23.34 0.23
H62 NAG P . 20.86 23.13 -1.30
H81 NAG P . 29.19 20.50 -2.59
H82 NAG P . 28.98 20.35 -1.03
H83 NAG P . 29.05 21.79 -1.69
HN2 NAG P . 27.06 22.63 -1.32
HO3 NAG P . 25.12 24.49 -3.78
HO4 NAG P . 22.35 25.16 -2.94
HO6 NAG P . 20.22 25.15 -0.79
#